data_7U59
#
_entry.id   7U59
#
_cell.length_a   80.849
_cell.length_b   80.849
_cell.length_c   247.467
_cell.angle_alpha   90.000
_cell.angle_beta   90.000
_cell.angle_gamma   120.000
#
_symmetry.space_group_name_H-M   'P 31 2 1'
#
loop_
_entity.id
_entity.type
_entity.pdbx_description
1 polymer 'Polyamine deacetylase HDAC10'
2 non-polymer 1,2-ETHANEDIOL
3 non-polymer 1-[2-(benzylamino)ethyl]-N-hydroxypiperidine-4-carboxamide
4 non-polymer 'ZINC ION'
5 non-polymer 'POTASSIUM ION'
6 non-polymer 'PHOSPHATE ION'
7 non-polymer 'SODIUM ION'
8 water water
#
_entity_poly.entity_id   1
_entity_poly.type   'polypeptide(L)'
_entity_poly.pdbx_seq_one_letter_code
;AASGSALIFDEEMSRYKLLWTDPECEIEVPERLTVSYEALRTHGLAQRCKAVPVRQATEQEILLAHSEEYLEAVKQTPGM
NVEELMAFSKKYNAVYFHQNIYHCAKLAAGATLQLVDSVMKREVRNGMALVRPPGHHSQRSAANGFCVFNNVAFAALYAK
KNYNLNRILIVDWDVHHGQGIQYCFEEDPSVLYFSWHRYEHQSFWPNLPESDYSSVGKGKGSGFNINLPWNKVGMTNSDY
LAAFFHVLLPVAYEFDPELVIVSAGFDSAIGDPEGEMCALPEIFAHLTHLLMPLAAGKMCVVLEGGYNLTSLGQSVCQTV
HSLLGDPTPRISGLGTACDSALESIQNVRNVQSSYWSSFKHLAQSENNPKRPRLDATNGGPKESSEPASESNPKKTAQDI
VWPEPLKRMPASVRTVVVPPPGVELTLPKNCQHSGDISESTAKEVQRIRDKHFHDLTDQNILRSLGNIISVLDRMMRSDE
VCNGCVVVSDLSVSVQCALQHALTEPAERVLVVYVGDGELPVKTNDGKVFLVQICTKETEDKCVNRLTLCLREGESLTAG
FMQALLGLILPVAYEFNPALVLGIVEETAAKTRLMRVWGHMTCLIQGLARGRMLTLLQGYDKDLLELTVSALSGASISPL
GPLRAPKPEDVEMMEKQRQRLQERWGLLRCTVSESW
;
_entity_poly.pdbx_strand_id   A
#
loop_
_chem_comp.id
_chem_comp.type
_chem_comp.name
_chem_comp.formula
EDO non-polymer 1,2-ETHANEDIOL 'C2 H6 O2'
K non-polymer 'POTASSIUM ION' 'K 1'
LDI non-polymer 1-[2-(benzylamino)ethyl]-N-hydroxypiperidine-4-carboxamide 'C15 H23 N3 O2'
NA non-polymer 'SODIUM ION' 'Na 1'
PO4 non-polymer 'PHOSPHATE ION' 'O4 P -3'
ZN non-polymer 'ZINC ION' 'Zn 2'
#
# COMPACT_ATOMS: atom_id res chain seq x y z
N ALA A 1 -16.60 14.93 4.01
CA ALA A 1 -15.58 13.89 3.80
C ALA A 1 -14.67 13.79 5.03
N ALA A 2 -14.27 12.57 5.36
CA ALA A 2 -13.59 12.31 6.63
C ALA A 2 -12.11 12.67 6.56
N SER A 3 -11.59 13.13 7.70
CA SER A 3 -10.18 13.47 7.83
C SER A 3 -9.66 12.94 9.16
N GLY A 4 -8.34 12.90 9.29
CA GLY A 4 -7.68 12.42 10.47
C GLY A 4 -7.46 10.91 10.47
N SER A 5 -6.61 10.47 11.39
CA SER A 5 -6.27 9.07 11.62
C SER A 5 -6.46 8.75 13.09
N ALA A 6 -7.16 7.67 13.40
CA ALA A 6 -7.29 7.26 14.79
C ALA A 6 -6.08 6.45 15.22
N LEU A 7 -5.70 6.62 16.49
CA LEU A 7 -4.69 5.78 17.14
C LEU A 7 -5.31 5.28 18.43
N ILE A 8 -5.47 3.97 18.55
CA ILE A 8 -6.16 3.39 19.68
C ILE A 8 -5.14 2.61 20.47
N PHE A 9 -4.94 3.01 21.73
CA PHE A 9 -3.91 2.44 22.56
C PHE A 9 -4.29 2.61 24.01
N ASP A 10 -3.96 1.63 24.84
CA ASP A 10 -4.13 1.77 26.28
C ASP A 10 -3.05 1.00 27.01
N GLU A 11 -2.44 1.65 28.00
CA GLU A 11 -1.36 1.04 28.75
C GLU A 11 -1.81 -0.23 29.46
N GLU A 12 -3.12 -0.37 29.70
CA GLU A 12 -3.61 -1.57 30.37
C GLU A 12 -3.21 -2.84 29.63
N MET A 13 -3.13 -2.80 28.30
CA MET A 13 -2.80 -4.01 27.55
C MET A 13 -1.33 -4.44 27.75
N SER A 14 -0.50 -3.61 28.35
CA SER A 14 0.85 -4.03 28.69
C SER A 14 0.92 -4.68 30.07
N ARG A 15 -0.23 -4.85 30.74
CA ARG A 15 -0.28 -5.34 32.12
C ARG A 15 -0.64 -6.82 32.19
N TYR A 16 -0.05 -7.63 31.31
CA TYR A 16 0.02 -9.07 31.48
C TYR A 16 1.33 -9.50 30.83
N LYS A 17 1.87 -10.62 31.30
CA LYS A 17 3.17 -11.08 30.85
C LYS A 17 3.32 -12.54 31.23
N LEU A 18 4.40 -13.15 30.73
CA LEU A 18 4.70 -14.55 31.00
C LEU A 18 5.23 -14.74 32.42
N LEU A 19 4.67 -15.71 33.15
CA LEU A 19 4.98 -15.90 34.56
C LEU A 19 5.82 -17.14 34.86
N TRP A 20 6.25 -17.88 33.84
CA TRP A 20 7.13 -19.01 34.05
C TRP A 20 8.11 -19.05 32.89
N THR A 21 9.17 -19.83 33.05
CA THR A 21 10.18 -19.91 32.00
C THR A 21 9.65 -20.76 30.85
N ASP A 22 9.77 -20.21 29.64
CA ASP A 22 9.31 -20.85 28.43
C ASP A 22 9.95 -20.11 27.27
N PRO A 23 11.06 -20.62 26.72
CA PRO A 23 11.76 -19.87 25.65
C PRO A 23 10.92 -19.64 24.42
N GLU A 24 9.87 -20.44 24.22
CA GLU A 24 9.01 -20.25 23.05
C GLU A 24 8.16 -18.98 23.17
N CYS A 25 7.61 -18.69 24.35
CA CYS A 25 6.74 -17.53 24.54
C CYS A 25 7.44 -16.30 25.10
N GLU A 26 8.70 -16.38 25.46
CA GLU A 26 9.32 -15.27 26.16
C GLU A 26 9.52 -14.04 25.28
N ILE A 27 9.31 -14.15 23.97
CA ILE A 27 9.46 -13.00 23.07
C ILE A 27 8.25 -12.08 23.08
N GLU A 28 7.13 -12.53 23.62
CA GLU A 28 5.90 -11.73 23.57
C GLU A 28 5.83 -10.94 24.86
N VAL A 29 6.28 -9.69 24.83
CA VAL A 29 6.48 -8.91 26.06
C VAL A 29 5.64 -7.63 26.08
N PRO A 30 5.29 -7.15 27.28
CA PRO A 30 4.59 -5.85 27.39
C PRO A 30 5.27 -4.70 26.65
N GLU A 31 6.61 -4.74 26.59
CA GLU A 31 7.36 -3.65 25.98
C GLU A 31 7.12 -3.50 24.50
N ARG A 32 6.57 -4.54 23.83
CA ARG A 32 6.22 -4.37 22.42
C ARG A 32 5.27 -3.20 22.24
N LEU A 33 4.30 -3.10 23.16
CA LEU A 33 3.32 -2.01 23.12
C LEU A 33 3.94 -0.69 23.56
N THR A 34 4.60 -0.68 24.73
CA THR A 34 5.11 0.59 25.24
C THR A 34 6.19 1.17 24.33
N VAL A 35 7.08 0.31 23.80
CA VAL A 35 8.11 0.81 22.88
C VAL A 35 7.49 1.32 21.58
N SER A 36 6.40 0.71 21.13
CA SER A 36 5.77 1.18 19.90
C SER A 36 5.09 2.54 20.10
N TYR A 37 4.37 2.70 21.21
CA TYR A 37 3.69 3.96 21.45
C TYR A 37 4.70 5.07 21.70
N GLU A 38 5.75 4.78 22.48
CA GLU A 38 6.76 5.77 22.75
C GLU A 38 7.52 6.18 21.49
N ALA A 39 7.66 5.27 20.52
CA ALA A 39 8.26 5.66 19.24
C ALA A 39 7.33 6.57 18.46
N LEU A 40 6.01 6.31 18.47
CA LEU A 40 5.07 7.24 17.85
C LEU A 40 5.09 8.60 18.54
N ARG A 41 5.24 8.64 19.86
CA ARG A 41 5.31 9.93 20.56
C ARG A 41 6.62 10.64 20.25
N THR A 42 7.74 9.92 20.25
CA THR A 42 9.03 10.52 19.94
C THR A 42 9.03 11.20 18.58
N HIS A 43 8.34 10.62 17.59
CA HIS A 43 8.31 11.17 16.25
C HIS A 43 7.13 12.12 16.01
N GLY A 44 6.39 12.46 17.05
CA GLY A 44 5.30 13.40 16.88
C GLY A 44 4.09 12.85 16.17
N LEU A 45 4.01 11.52 15.98
CA LEU A 45 2.89 10.98 15.23
C LEU A 45 1.68 10.72 16.10
N ALA A 46 1.90 10.28 17.35
CA ALA A 46 0.79 10.07 18.28
C ALA A 46 0.01 11.38 18.46
N GLN A 47 0.72 12.49 18.62
CA GLN A 47 0.10 13.80 18.82
C GLN A 47 -0.76 14.21 17.62
N ARG A 48 -0.47 13.71 16.42
CA ARG A 48 -1.26 14.10 15.26
C ARG A 48 -2.46 13.19 15.00
N CYS A 49 -2.60 12.10 15.75
CA CYS A 49 -3.75 11.21 15.60
C CYS A 49 -4.83 11.53 16.62
N LYS A 50 -6.08 11.24 16.23
CA LYS A 50 -7.22 11.28 17.14
C LYS A 50 -7.15 10.08 18.08
N ALA A 51 -6.88 10.34 19.36
CA ALA A 51 -6.90 9.26 20.32
C ALA A 51 -8.34 8.85 20.57
N VAL A 52 -8.63 7.57 20.40
CA VAL A 52 -9.96 7.00 20.61
C VAL A 52 -9.84 6.03 21.77
N PRO A 53 -10.72 6.06 22.75
CA PRO A 53 -10.56 5.18 23.92
C PRO A 53 -10.77 3.73 23.55
N VAL A 54 -10.08 2.84 24.26
CA VAL A 54 -10.40 1.43 24.18
C VAL A 54 -11.71 1.18 24.91
N ARG A 55 -12.33 0.04 24.61
CA ARG A 55 -13.42 -0.50 25.40
C ARG A 55 -13.27 -2.02 25.43
N GLN A 56 -14.10 -2.67 26.25
CA GLN A 56 -14.18 -4.13 26.25
C GLN A 56 -15.11 -4.58 25.13
N ALA A 57 -14.70 -5.61 24.39
CA ALA A 57 -15.66 -6.32 23.58
C ALA A 57 -16.68 -6.99 24.49
N THR A 58 -17.95 -6.97 24.09
CA THR A 58 -19.00 -7.61 24.88
C THR A 58 -19.01 -9.11 24.62
N GLU A 59 -19.74 -9.82 25.48
CA GLU A 59 -19.91 -11.26 25.28
C GLU A 59 -20.51 -11.57 23.92
N GLN A 60 -21.57 -10.84 23.55
CA GLN A 60 -22.19 -11.08 22.24
C GLN A 60 -21.18 -10.86 21.12
N GLU A 61 -20.28 -9.89 21.27
CA GLU A 61 -19.30 -9.63 20.23
C GLU A 61 -18.27 -10.75 20.14
N ILE A 62 -17.81 -11.26 21.29
CA ILE A 62 -16.87 -12.37 21.29
C ILE A 62 -17.49 -13.60 20.63
N LEU A 63 -18.77 -13.85 20.90
CA LEU A 63 -19.47 -15.00 20.32
C LEU A 63 -19.68 -14.88 18.81
N LEU A 64 -19.35 -13.73 18.21
CA LEU A 64 -19.36 -13.66 16.75
C LEU A 64 -18.36 -14.62 16.14
N ALA A 65 -17.24 -14.86 16.84
CA ALA A 65 -16.15 -15.63 16.28
C ALA A 65 -15.74 -16.82 17.12
N HIS A 66 -16.26 -16.96 18.34
CA HIS A 66 -15.78 -17.99 19.25
C HIS A 66 -16.96 -18.70 19.91
N SER A 67 -16.71 -19.92 20.35
CA SER A 67 -17.77 -20.73 20.93
C SER A 67 -17.97 -20.38 22.40
N GLU A 68 -19.19 -20.66 22.89
CA GLU A 68 -19.50 -20.40 24.28
C GLU A 68 -18.57 -21.17 25.20
N GLU A 69 -18.24 -22.41 24.81
CA GLU A 69 -17.41 -23.25 25.65
C GLU A 69 -16.02 -22.67 25.82
N TYR A 70 -15.44 -22.16 24.73
CA TYR A 70 -14.12 -21.57 24.81
C TYR A 70 -14.16 -20.26 25.61
N LEU A 71 -15.16 -19.42 25.35
CA LEU A 71 -15.29 -18.18 26.11
C LEU A 71 -15.43 -18.47 27.60
N GLU A 72 -16.30 -19.42 27.96
CA GLU A 72 -16.47 -19.78 29.38
C GLU A 72 -15.16 -20.28 30.00
N ALA A 73 -14.38 -21.07 29.27
CA ALA A 73 -13.10 -21.52 29.82
C ALA A 73 -12.14 -20.36 30.04
N VAL A 74 -12.04 -19.45 29.07
CA VAL A 74 -11.12 -18.32 29.19
C VAL A 74 -11.58 -17.39 30.32
N LYS A 75 -12.90 -17.20 30.44
CA LYS A 75 -13.48 -16.38 31.49
C LYS A 75 -13.07 -16.83 32.89
N GLN A 76 -12.60 -18.05 33.06
CA GLN A 76 -12.20 -18.49 34.38
CA GLN A 76 -12.18 -18.57 34.35
C GLN A 76 -10.73 -18.25 34.69
N THR A 77 -9.92 -17.83 33.70
CA THR A 77 -8.50 -17.64 33.99
C THR A 77 -8.19 -16.49 34.97
N PRO A 78 -9.00 -15.43 35.10
CA PRO A 78 -8.65 -14.42 36.12
C PRO A 78 -8.62 -14.96 37.53
N GLY A 79 -9.34 -16.04 37.81
CA GLY A 79 -9.34 -16.62 39.15
C GLY A 79 -8.30 -17.69 39.40
N MET A 80 -7.41 -17.94 38.46
CA MET A 80 -6.44 -19.03 38.57
C MET A 80 -5.13 -18.53 39.14
N ASN A 81 -4.47 -19.38 39.94
CA ASN A 81 -3.10 -19.13 40.36
C ASN A 81 -2.11 -19.56 39.26
N VAL A 82 -0.81 -19.47 39.56
CA VAL A 82 0.18 -19.66 38.50
C VAL A 82 0.20 -21.11 38.01
N GLU A 83 0.15 -22.09 38.93
CA GLU A 83 0.09 -23.49 38.54
C GLU A 83 -1.10 -23.77 37.64
N GLU A 84 -2.29 -23.24 38.00
CA GLU A 84 -3.47 -23.47 37.19
C GLU A 84 -3.37 -22.76 35.85
N LEU A 85 -2.69 -21.61 35.80
CA LEU A 85 -2.54 -20.91 34.53
C LEU A 85 -1.59 -21.67 33.59
N MET A 86 -0.53 -22.25 34.15
CA MET A 86 0.39 -23.07 33.36
C MET A 86 -0.32 -24.29 32.77
N ALA A 87 -1.12 -24.98 33.58
CA ALA A 87 -1.82 -26.16 33.09
C ALA A 87 -2.87 -25.78 32.05
N PHE A 88 -3.57 -24.65 32.25
CA PHE A 88 -4.49 -24.20 31.22
C PHE A 88 -3.75 -23.86 29.92
N SER A 89 -2.61 -23.20 30.02
CA SER A 89 -1.84 -22.80 28.85
C SER A 89 -1.43 -24.01 28.01
N LYS A 90 -1.06 -25.11 28.66
CA LYS A 90 -0.53 -26.28 27.98
C LYS A 90 -1.59 -27.05 27.19
N LYS A 91 -2.88 -26.76 27.37
CA LYS A 91 -3.90 -27.28 26.45
C LYS A 91 -3.78 -26.72 25.04
N TYR A 92 -2.98 -25.69 24.85
CA TYR A 92 -2.97 -25.02 23.57
C TYR A 92 -1.54 -24.92 23.07
N ASN A 93 -1.41 -24.53 21.81
CA ASN A 93 -0.11 -24.48 21.16
C ASN A 93 0.45 -23.07 21.19
N ALA A 94 1.63 -22.91 21.81
CA ALA A 94 2.40 -21.66 21.78
C ALA A 94 1.61 -20.47 22.33
N VAL A 95 1.17 -20.61 23.57
CA VAL A 95 0.32 -19.59 24.17
C VAL A 95 0.46 -19.68 25.69
N TYR A 96 0.45 -18.52 26.35
CA TYR A 96 0.47 -18.46 27.81
C TYR A 96 -0.64 -17.54 28.28
N PHE A 97 -1.08 -17.77 29.52
CA PHE A 97 -2.18 -17.04 30.13
C PHE A 97 -1.71 -16.35 31.39
N HIS A 98 -2.47 -15.35 31.81
CA HIS A 98 -2.10 -14.50 32.94
C HIS A 98 -3.42 -14.02 33.55
N GLN A 99 -3.39 -13.71 34.85
CA GLN A 99 -4.61 -13.28 35.54
C GLN A 99 -5.31 -12.14 34.81
N ASN A 100 -4.54 -11.27 34.16
CA ASN A 100 -5.09 -10.11 33.48
C ASN A 100 -5.26 -10.30 31.97
N ILE A 101 -4.93 -11.47 31.41
CA ILE A 101 -4.92 -11.57 29.95
C ILE A 101 -6.33 -11.64 29.38
N TYR A 102 -7.28 -12.19 30.13
CA TYR A 102 -8.66 -12.19 29.64
C TYR A 102 -9.17 -10.75 29.54
N HIS A 103 -8.91 -9.95 30.58
CA HIS A 103 -9.22 -8.53 30.54
C HIS A 103 -8.58 -7.86 29.32
N CYS A 104 -7.30 -8.13 29.10
CA CYS A 104 -6.59 -7.46 28.00
C CYS A 104 -7.08 -7.93 26.62
N ALA A 105 -7.41 -9.23 26.50
CA ALA A 105 -8.00 -9.73 25.26
C ALA A 105 -9.33 -9.05 24.93
N LYS A 106 -10.16 -8.78 25.94
CA LYS A 106 -11.38 -8.05 25.65
C LYS A 106 -11.08 -6.61 25.26
N LEU A 107 -9.99 -6.04 25.78
CA LEU A 107 -9.61 -4.69 25.38
C LEU A 107 -9.03 -4.66 23.98
N ALA A 108 -8.18 -5.65 23.64
CA ALA A 108 -7.64 -5.71 22.28
C ALA A 108 -8.75 -5.86 21.25
N ALA A 109 -9.73 -6.71 21.54
CA ALA A 109 -10.88 -6.86 20.63
C ALA A 109 -11.73 -5.60 20.59
N GLY A 110 -12.06 -5.01 21.75
CA GLY A 110 -12.87 -3.82 21.74
C GLY A 110 -12.15 -2.64 21.09
N ALA A 111 -10.85 -2.51 21.34
CA ALA A 111 -10.08 -1.48 20.66
C ALA A 111 -10.21 -1.61 19.15
N THR A 112 -10.19 -2.86 18.65
CA THR A 112 -10.37 -3.09 17.22
C THR A 112 -11.74 -2.64 16.77
N LEU A 113 -12.79 -2.97 17.55
CA LEU A 113 -14.15 -2.57 17.18
C LEU A 113 -14.31 -1.04 17.24
N GLN A 114 -13.71 -0.39 18.26
CA GLN A 114 -13.68 1.07 18.28
C GLN A 114 -13.08 1.65 17.01
N LEU A 115 -12.03 1.02 16.48
CA LEU A 115 -11.41 1.53 15.27
C LEU A 115 -12.35 1.37 14.08
N VAL A 116 -13.00 0.21 13.96
CA VAL A 116 -13.95 0.00 12.86
C VAL A 116 -15.06 1.04 12.91
N ASP A 117 -15.64 1.26 14.10
CA ASP A 117 -16.69 2.27 14.24
C ASP A 117 -16.19 3.65 13.84
N SER A 118 -15.01 4.06 14.33
CA SER A 118 -14.53 5.41 13.99
C SER A 118 -14.37 5.59 12.49
N VAL A 119 -13.95 4.53 11.80
CA VAL A 119 -13.72 4.64 10.35
C VAL A 119 -15.03 4.55 9.58
N MET A 120 -15.89 3.61 9.95
CA MET A 120 -17.14 3.43 9.19
C MET A 120 -18.15 4.55 9.46
N LYS A 121 -18.08 5.19 10.62
CA LYS A 121 -18.88 6.37 10.93
C LYS A 121 -18.30 7.65 10.34
N ARG A 122 -17.23 7.56 9.53
CA ARG A 122 -16.55 8.69 8.90
C ARG A 122 -16.01 9.70 9.92
N GLU A 123 -15.75 9.25 11.15
CA GLU A 123 -15.15 10.12 12.15
C GLU A 123 -13.65 10.30 11.93
N VAL A 124 -12.99 9.30 11.33
CA VAL A 124 -11.63 9.43 10.84
C VAL A 124 -11.57 8.77 9.47
N ARG A 125 -10.50 9.09 8.74
CA ARG A 125 -10.26 8.46 7.45
C ARG A 125 -9.82 7.00 7.64
N ASN A 126 -8.96 6.74 8.61
CA ASN A 126 -8.31 5.45 8.76
C ASN A 126 -7.76 5.40 10.17
N GLY A 127 -7.06 4.32 10.51
CA GLY A 127 -6.45 4.31 11.83
C GLY A 127 -5.72 3.03 12.11
N MET A 128 -5.13 2.99 13.29
CA MET A 128 -4.32 1.88 13.79
C MET A 128 -4.67 1.60 15.24
N ALA A 129 -4.81 0.32 15.59
CA ALA A 129 -4.96 -0.11 16.97
C ALA A 129 -3.70 -0.85 17.41
N LEU A 130 -3.01 -0.29 18.40
CA LEU A 130 -1.84 -0.90 19.02
C LEU A 130 -2.35 -1.72 20.19
N VAL A 131 -2.50 -3.02 19.97
CA VAL A 131 -3.15 -3.89 20.93
C VAL A 131 -2.26 -5.09 21.19
N ARG A 132 -2.47 -5.69 22.35
CA ARG A 132 -2.04 -7.06 22.62
C ARG A 132 -2.99 -7.61 23.65
N PRO A 133 -3.24 -8.92 23.66
CA PRO A 133 -2.62 -9.96 22.82
C PRO A 133 -3.05 -9.85 21.36
N PRO A 134 -2.20 -10.36 20.47
CA PRO A 134 -2.57 -10.40 19.05
C PRO A 134 -3.72 -11.35 18.80
N GLY A 135 -4.19 -11.47 17.57
CA GLY A 135 -5.39 -12.26 17.35
C GLY A 135 -5.41 -13.30 16.23
N HIS A 136 -4.54 -13.21 15.21
CA HIS A 136 -4.85 -13.84 13.93
C HIS A 136 -4.71 -15.37 13.95
N HIS A 137 -4.04 -15.93 14.95
CA HIS A 137 -4.01 -17.38 15.13
C HIS A 137 -5.19 -17.95 15.92
N SER A 138 -5.91 -17.12 16.69
CA SER A 138 -6.96 -17.64 17.55
CA SER A 138 -6.93 -17.69 17.55
C SER A 138 -8.09 -18.23 16.73
N GLN A 139 -8.70 -19.29 17.23
CA GLN A 139 -9.70 -20.03 16.49
C GLN A 139 -11.00 -20.10 17.28
N ARG A 140 -12.06 -20.62 16.63
N ARG A 140 -12.06 -20.61 16.62
CA ARG A 140 -13.39 -20.64 17.24
CA ARG A 140 -13.39 -20.70 17.20
C ARG A 140 -13.36 -21.15 18.67
C ARG A 140 -13.35 -21.17 18.66
N SER A 141 -12.60 -22.23 18.93
CA SER A 141 -12.52 -22.79 20.28
C SER A 141 -11.10 -23.02 20.77
N ALA A 142 -10.14 -22.20 20.34
CA ALA A 142 -8.77 -22.40 20.81
C ALA A 142 -7.96 -21.11 20.79
N ALA A 143 -7.18 -20.92 21.85
CA ALA A 143 -6.07 -19.98 21.84
C ALA A 143 -4.90 -20.60 21.09
N ASN A 144 -4.05 -19.77 20.51
CA ASN A 144 -3.01 -20.27 19.64
C ASN A 144 -2.02 -19.17 19.30
N GLY A 145 -0.72 -19.48 19.42
CA GLY A 145 0.31 -18.57 18.96
C GLY A 145 0.20 -17.16 19.54
N PHE A 146 0.14 -17.05 20.88
CA PHE A 146 0.02 -15.79 21.62
C PHE A 146 -1.37 -15.16 21.53
N CYS A 147 -2.27 -15.72 20.71
CA CYS A 147 -3.56 -15.12 20.42
C CYS A 147 -4.65 -15.76 21.28
N VAL A 148 -5.53 -14.93 21.85
CA VAL A 148 -6.64 -15.41 22.68
C VAL A 148 -7.98 -15.32 21.94
N PHE A 149 -8.31 -14.15 21.42
CA PHE A 149 -9.49 -13.93 20.60
C PHE A 149 -9.03 -13.32 19.30
N ASN A 150 -9.83 -13.51 18.23
CA ASN A 150 -9.36 -13.13 16.91
C ASN A 150 -9.81 -11.71 16.55
N ASN A 151 -8.96 -10.74 16.93
CA ASN A 151 -9.28 -9.32 16.82
C ASN A 151 -9.74 -8.95 15.42
N VAL A 152 -8.99 -9.38 14.40
CA VAL A 152 -9.31 -8.98 13.04
C VAL A 152 -10.53 -9.71 12.50
N ALA A 153 -10.74 -10.97 12.89
CA ALA A 153 -11.97 -11.62 12.46
C ALA A 153 -13.19 -10.98 13.10
N PHE A 154 -13.08 -10.57 14.37
CA PHE A 154 -14.11 -9.72 14.99
C PHE A 154 -14.43 -8.52 14.12
N ALA A 155 -13.40 -7.77 13.73
CA ALA A 155 -13.58 -6.53 12.98
C ALA A 155 -14.39 -6.76 11.72
N ALA A 156 -14.07 -7.80 10.94
CA ALA A 156 -14.81 -8.04 9.71
C ALA A 156 -16.24 -8.52 10.01
N LEU A 157 -16.39 -9.45 10.95
CA LEU A 157 -17.73 -9.92 11.28
C LEU A 157 -18.59 -8.79 11.83
N TYR A 158 -17.99 -7.90 12.64
CA TYR A 158 -18.71 -6.76 13.20
C TYR A 158 -19.09 -5.76 12.12
N ALA A 159 -18.17 -5.46 11.19
CA ALA A 159 -18.49 -4.52 10.12
C ALA A 159 -19.55 -5.08 9.17
N LYS A 160 -19.56 -6.40 8.96
CA LYS A 160 -20.63 -7.02 8.17
C LYS A 160 -21.97 -6.83 8.87
N LYS A 161 -22.04 -7.16 10.15
CA LYS A 161 -23.32 -7.16 10.85
C LYS A 161 -23.86 -5.74 11.00
N ASN A 162 -23.02 -4.79 11.38
CA ASN A 162 -23.50 -3.46 11.78
C ASN A 162 -23.46 -2.43 10.66
N TYR A 163 -22.72 -2.66 9.60
CA TYR A 163 -22.73 -1.74 8.47
C TYR A 163 -23.14 -2.39 7.17
N ASN A 164 -23.50 -3.67 7.20
CA ASN A 164 -24.06 -4.37 6.05
C ASN A 164 -23.10 -4.35 4.85
N LEU A 165 -21.79 -4.38 5.13
CA LEU A 165 -20.81 -4.47 4.06
C LEU A 165 -20.87 -5.84 3.40
N ASN A 166 -20.73 -5.83 2.08
CA ASN A 166 -20.67 -7.06 1.29
C ASN A 166 -19.25 -7.47 0.92
N ARG A 167 -18.28 -6.56 0.93
CA ARG A 167 -16.92 -6.91 0.50
C ARG A 167 -15.92 -6.28 1.47
N ILE A 168 -15.18 -7.13 2.17
CA ILE A 168 -14.14 -6.72 3.11
C ILE A 168 -12.84 -7.39 2.70
N LEU A 169 -11.76 -6.62 2.61
CA LEU A 169 -10.43 -7.17 2.36
C LEU A 169 -9.64 -7.24 3.68
N ILE A 170 -9.08 -8.41 3.98
CA ILE A 170 -8.13 -8.55 5.08
C ILE A 170 -6.76 -8.85 4.48
N VAL A 171 -5.78 -7.99 4.77
CA VAL A 171 -4.39 -8.14 4.36
C VAL A 171 -3.57 -8.49 5.60
N ASP A 172 -3.00 -9.70 5.63
CA ASP A 172 -2.23 -10.18 6.78
C ASP A 172 -0.78 -10.22 6.36
N TRP A 173 -0.02 -9.17 6.73
CA TRP A 173 1.38 -9.10 6.37
C TRP A 173 2.30 -9.48 7.51
N ASP A 174 1.75 -9.91 8.65
CA ASP A 174 2.53 -10.65 9.64
C ASP A 174 3.27 -11.77 8.94
N VAL A 175 4.43 -12.15 9.48
CA VAL A 175 5.24 -13.19 8.84
C VAL A 175 4.69 -14.59 9.06
N HIS A 176 3.74 -14.74 9.97
CA HIS A 176 3.09 -16.01 10.25
C HIS A 176 1.74 -16.08 9.54
N HIS A 177 1.30 -17.29 9.25
CA HIS A 177 0.01 -17.49 8.60
C HIS A 177 -1.13 -17.30 9.61
N GLY A 178 -2.11 -16.48 9.27
CA GLY A 178 -3.24 -16.30 10.18
C GLY A 178 -4.30 -17.35 9.99
N GLN A 179 -4.03 -18.61 10.37
CA GLN A 179 -4.97 -19.68 10.08
C GLN A 179 -6.32 -19.46 10.76
N GLY A 180 -6.33 -18.81 11.92
CA GLY A 180 -7.61 -18.45 12.54
C GLY A 180 -8.49 -17.64 11.61
N ILE A 181 -7.92 -16.63 10.97
CA ILE A 181 -8.72 -15.83 10.03
C ILE A 181 -9.13 -16.69 8.83
N GLN A 182 -8.20 -17.49 8.30
CA GLN A 182 -8.53 -18.34 7.15
C GLN A 182 -9.72 -19.24 7.46
N TYR A 183 -9.69 -19.94 8.60
CA TYR A 183 -10.78 -20.85 8.94
C TYR A 183 -12.07 -20.10 9.09
N CYS A 184 -12.01 -18.90 9.67
CA CYS A 184 -13.22 -18.14 9.94
C CYS A 184 -13.96 -17.83 8.66
N PHE A 185 -13.24 -17.48 7.59
CA PHE A 185 -13.89 -17.00 6.38
C PHE A 185 -13.73 -17.94 5.17
N GLU A 186 -13.31 -19.19 5.42
CA GLU A 186 -12.99 -20.12 4.33
C GLU A 186 -14.11 -20.22 3.32
N GLU A 187 -15.37 -20.25 3.76
CA GLU A 187 -16.49 -20.38 2.84
C GLU A 187 -17.21 -19.07 2.55
N ASP A 188 -16.64 -17.95 2.94
CA ASP A 188 -17.35 -16.68 2.85
C ASP A 188 -16.79 -15.83 1.72
N PRO A 189 -17.51 -15.62 0.62
CA PRO A 189 -16.99 -14.78 -0.47
C PRO A 189 -17.05 -13.28 -0.17
N SER A 190 -17.67 -12.88 0.93
CA SER A 190 -17.73 -11.45 1.25
C SER A 190 -16.47 -10.95 1.92
N VAL A 191 -15.58 -11.84 2.36
CA VAL A 191 -14.34 -11.46 3.03
C VAL A 191 -13.19 -12.06 2.24
N LEU A 192 -12.36 -11.24 1.63
CA LEU A 192 -11.18 -11.74 0.92
C LEU A 192 -10.01 -11.71 1.87
N TYR A 193 -9.39 -12.86 2.09
CA TYR A 193 -8.23 -12.96 2.99
C TYR A 193 -6.96 -13.19 2.17
N PHE A 194 -5.96 -12.33 2.35
CA PHE A 194 -4.63 -12.49 1.76
C PHE A 194 -3.61 -12.62 2.87
N SER A 195 -2.76 -13.65 2.80
CA SER A 195 -1.68 -13.81 3.78
C SER A 195 -0.40 -14.20 3.07
N TRP A 196 0.71 -13.53 3.36
CA TRP A 196 2.02 -14.09 3.05
C TRP A 196 2.60 -14.58 4.37
N HIS A 197 3.51 -15.56 4.30
CA HIS A 197 4.02 -16.12 5.55
C HIS A 197 5.22 -16.99 5.29
N ARG A 198 6.17 -16.93 6.22
CA ARG A 198 7.22 -17.93 6.24
C ARG A 198 6.59 -19.32 6.38
N TYR A 199 6.95 -20.23 5.46
CA TYR A 199 6.38 -21.58 5.36
C TYR A 199 7.48 -22.64 5.34
N GLU A 200 8.47 -22.44 4.49
CA GLU A 200 9.59 -23.37 4.33
C GLU A 200 9.08 -24.79 4.11
N HIS A 201 8.18 -24.93 3.15
CA HIS A 201 7.68 -26.23 2.73
C HIS A 201 7.02 -26.96 3.90
N GLN A 202 6.27 -26.19 4.71
CA GLN A 202 5.53 -26.65 5.87
C GLN A 202 6.39 -26.91 7.09
N SER A 203 7.71 -26.73 7.03
CA SER A 203 8.48 -26.94 8.25
C SER A 203 8.44 -25.77 9.23
N PHE A 204 7.83 -24.64 8.88
CA PHE A 204 7.75 -23.51 9.80
C PHE A 204 6.37 -23.40 10.44
N TRP A 205 6.36 -23.06 11.72
CA TRP A 205 5.14 -22.97 12.50
C TRP A 205 4.13 -22.06 11.80
N PRO A 206 2.84 -22.43 11.76
CA PRO A 206 2.27 -23.57 12.46
C PRO A 206 2.26 -24.91 11.70
N ASN A 207 3.05 -25.07 10.63
CA ASN A 207 3.23 -26.39 10.01
C ASN A 207 1.94 -26.94 9.40
N LEU A 208 1.21 -26.12 8.67
CA LEU A 208 -0.09 -26.61 8.25
C LEU A 208 -0.09 -26.87 6.75
N PRO A 209 -0.61 -28.02 6.30
CA PRO A 209 -0.78 -28.19 4.84
C PRO A 209 -1.64 -27.11 4.23
N GLU A 210 -2.69 -26.66 4.94
CA GLU A 210 -3.60 -25.68 4.37
C GLU A 210 -3.07 -24.25 4.40
N SER A 211 -1.84 -24.00 4.88
CA SER A 211 -1.21 -22.70 4.67
C SER A 211 -0.57 -22.55 3.28
N ASP A 212 -0.65 -23.56 2.42
CA ASP A 212 0.02 -23.53 1.13
C ASP A 212 -0.81 -22.76 0.11
N TYR A 213 -0.21 -22.49 -1.06
CA TYR A 213 -0.91 -21.72 -2.08
C TYR A 213 -2.17 -22.41 -2.60
N SER A 214 -2.33 -23.71 -2.38
CA SER A 214 -3.45 -24.44 -2.98
C SER A 214 -4.78 -24.26 -2.23
N SER A 215 -4.77 -23.73 -1.00
CA SER A 215 -6.02 -23.41 -0.30
C SER A 215 -6.52 -22.07 -0.81
N VAL A 216 -7.55 -22.13 -1.66
CA VAL A 216 -8.16 -20.95 -2.28
C VAL A 216 -9.49 -20.58 -1.63
N GLY A 217 -9.84 -21.21 -0.51
CA GLY A 217 -11.18 -21.13 0.07
C GLY A 217 -12.00 -22.36 -0.30
N LYS A 218 -13.23 -22.42 0.25
CA LYS A 218 -14.09 -23.59 0.08
C LYS A 218 -15.51 -23.17 -0.29
N GLY A 219 -16.14 -23.98 -1.14
CA GLY A 219 -17.54 -23.77 -1.50
C GLY A 219 -17.75 -22.45 -2.20
N LYS A 220 -18.71 -21.67 -1.70
CA LYS A 220 -18.93 -20.33 -2.24
C LYS A 220 -17.73 -19.40 -2.00
N GLY A 221 -16.83 -19.77 -1.10
CA GLY A 221 -15.67 -18.94 -0.85
C GLY A 221 -14.45 -19.28 -1.67
N SER A 222 -14.57 -20.18 -2.65
CA SER A 222 -13.43 -20.54 -3.48
C SER A 222 -12.95 -19.31 -4.21
N GLY A 223 -11.65 -19.03 -4.11
CA GLY A 223 -11.07 -17.86 -4.72
C GLY A 223 -10.88 -16.68 -3.78
N PHE A 224 -11.50 -16.69 -2.59
CA PHE A 224 -11.44 -15.56 -1.67
C PHE A 224 -10.50 -15.83 -0.48
N ASN A 225 -9.62 -16.81 -0.62
CA ASN A 225 -8.52 -17.03 0.30
C ASN A 225 -7.26 -17.14 -0.55
N ILE A 226 -6.25 -16.32 -0.25
CA ILE A 226 -5.02 -16.27 -1.02
C ILE A 226 -3.84 -16.42 -0.08
N ASN A 227 -3.16 -17.57 -0.15
CA ASN A 227 -1.97 -17.87 0.64
C ASN A 227 -0.74 -17.74 -0.25
N LEU A 228 0.25 -16.96 0.20
CA LEU A 228 1.52 -16.84 -0.53
C LEU A 228 2.64 -17.30 0.39
N PRO A 229 3.06 -18.57 0.28
CA PRO A 229 4.07 -19.11 1.20
C PRO A 229 5.48 -18.66 0.80
N TRP A 230 6.26 -18.19 1.78
CA TRP A 230 7.67 -17.92 1.56
C TRP A 230 8.46 -19.19 1.92
N ASN A 231 9.14 -19.75 0.95
CA ASN A 231 9.80 -21.02 1.23
C ASN A 231 11.29 -20.89 1.53
N LYS A 232 11.81 -19.66 1.58
CA LYS A 232 13.14 -19.37 2.12
C LYS A 232 13.06 -18.14 3.03
N VAL A 233 13.97 -18.07 4.00
CA VAL A 233 14.10 -16.85 4.80
C VAL A 233 14.82 -15.79 3.99
N GLY A 234 14.98 -14.59 4.57
CA GLY A 234 15.67 -13.50 3.92
C GLY A 234 14.92 -12.79 2.80
N MET A 235 13.60 -12.86 2.76
CA MET A 235 12.87 -12.10 1.74
C MET A 235 13.10 -10.60 1.90
N THR A 236 13.17 -9.89 0.78
CA THR A 236 13.59 -8.48 0.74
C THR A 236 12.42 -7.59 0.29
N ASN A 237 12.70 -6.28 0.28
CA ASN A 237 11.74 -5.32 -0.26
C ASN A 237 11.25 -5.74 -1.65
N SER A 238 12.16 -6.20 -2.51
CA SER A 238 11.73 -6.61 -3.85
C SER A 238 10.75 -7.80 -3.80
N ASP A 239 10.96 -8.76 -2.89
CA ASP A 239 10.02 -9.86 -2.78
C ASP A 239 8.64 -9.37 -2.32
N TYR A 240 8.61 -8.50 -1.30
CA TYR A 240 7.32 -8.00 -0.82
C TYR A 240 6.60 -7.20 -1.90
N LEU A 241 7.32 -6.30 -2.59
CA LEU A 241 6.64 -5.51 -3.60
C LEU A 241 6.20 -6.36 -4.79
N ALA A 242 6.99 -7.38 -5.16
CA ALA A 242 6.53 -8.26 -6.22
C ALA A 242 5.25 -8.98 -5.81
N ALA A 243 5.16 -9.40 -4.55
CA ALA A 243 3.92 -9.99 -4.03
C ALA A 243 2.74 -9.04 -4.17
N PHE A 244 2.95 -7.76 -3.83
CA PHE A 244 1.87 -6.78 -3.93
C PHE A 244 1.52 -6.50 -5.39
N PHE A 245 2.51 -6.26 -6.24
CA PHE A 245 2.21 -5.86 -7.61
C PHE A 245 1.59 -7.00 -8.43
N HIS A 246 2.03 -8.23 -8.20
CA HIS A 246 1.63 -9.31 -9.09
C HIS A 246 0.62 -10.28 -8.48
N VAL A 247 0.27 -10.14 -7.20
CA VAL A 247 -0.74 -11.02 -6.62
C VAL A 247 -1.81 -10.20 -5.91
N LEU A 248 -1.44 -9.49 -4.85
CA LEU A 248 -2.43 -8.88 -3.94
C LEU A 248 -3.18 -7.75 -4.61
N LEU A 249 -2.48 -6.76 -5.16
CA LEU A 249 -3.16 -5.57 -5.68
C LEU A 249 -4.06 -5.85 -6.88
N PRO A 250 -3.65 -6.68 -7.86
CA PRO A 250 -4.60 -7.02 -8.94
C PRO A 250 -5.90 -7.57 -8.41
N VAL A 251 -5.84 -8.50 -7.46
CA VAL A 251 -7.04 -9.06 -6.87
C VAL A 251 -7.79 -8.01 -6.04
N ALA A 252 -7.06 -7.24 -5.22
CA ALA A 252 -7.69 -6.24 -4.36
C ALA A 252 -8.51 -5.24 -5.17
N TYR A 253 -7.96 -4.72 -6.28
CA TYR A 253 -8.68 -3.70 -7.03
C TYR A 253 -9.82 -4.29 -7.85
N GLU A 254 -9.75 -5.58 -8.20
CA GLU A 254 -10.90 -6.20 -8.85
C GLU A 254 -12.03 -6.48 -7.87
N PHE A 255 -11.68 -7.02 -6.69
CA PHE A 255 -12.63 -7.28 -5.61
C PHE A 255 -13.35 -6.01 -5.17
N ASP A 256 -12.66 -4.86 -5.19
CA ASP A 256 -13.19 -3.56 -4.79
C ASP A 256 -13.80 -3.62 -3.38
N PRO A 257 -12.98 -3.76 -2.34
CA PRO A 257 -13.54 -3.86 -0.99
C PRO A 257 -14.18 -2.56 -0.55
N GLU A 258 -15.12 -2.69 0.37
CA GLU A 258 -15.75 -1.54 1.02
C GLU A 258 -15.06 -1.18 2.32
N LEU A 259 -14.21 -2.06 2.83
CA LEU A 259 -13.40 -1.81 4.01
C LEU A 259 -12.13 -2.65 3.87
N VAL A 260 -10.99 -2.11 4.28
CA VAL A 260 -9.73 -2.86 4.32
C VAL A 260 -9.27 -2.95 5.76
N ILE A 261 -8.97 -4.17 6.21
CA ILE A 261 -8.42 -4.41 7.55
C ILE A 261 -7.06 -5.08 7.36
N VAL A 262 -6.03 -4.56 8.03
CA VAL A 262 -4.68 -5.11 7.93
C VAL A 262 -4.37 -5.78 9.25
N SER A 263 -4.07 -7.08 9.19
CA SER A 263 -3.38 -7.80 10.27
C SER A 263 -1.90 -7.48 10.14
N ALA A 264 -1.45 -6.49 10.91
CA ALA A 264 -0.16 -5.86 10.71
C ALA A 264 0.81 -6.38 11.75
N GLY A 265 1.46 -7.51 11.43
CA GLY A 265 2.55 -8.01 12.24
C GLY A 265 3.84 -7.54 11.60
N PHE A 266 4.73 -7.00 12.41
CA PHE A 266 5.98 -6.48 11.90
C PHE A 266 7.12 -7.46 12.13
N ASP A 267 6.79 -8.71 12.49
CA ASP A 267 7.81 -9.75 12.48
C ASP A 267 8.19 -10.14 11.06
N SER A 268 7.61 -9.52 10.05
CA SER A 268 8.06 -9.66 8.67
C SER A 268 9.19 -8.69 8.31
N ALA A 269 9.65 -7.89 9.28
CA ALA A 269 10.67 -6.87 9.08
C ALA A 269 12.07 -7.38 9.43
N ILE A 270 13.07 -6.71 8.85
CA ILE A 270 14.47 -7.06 9.15
C ILE A 270 14.70 -7.12 10.66
N GLY A 271 15.56 -8.05 11.07
CA GLY A 271 15.97 -8.16 12.46
C GLY A 271 15.02 -8.93 13.35
N ASP A 272 13.86 -9.30 12.88
CA ASP A 272 12.97 -10.02 13.76
C ASP A 272 13.45 -11.45 13.96
N PRO A 273 13.48 -11.96 15.19
CA PRO A 273 14.01 -13.31 15.43
C PRO A 273 13.08 -14.41 14.95
N GLU A 274 11.79 -14.14 14.78
CA GLU A 274 10.91 -15.19 14.33
C GLU A 274 10.80 -15.25 12.82
N GLY A 275 10.75 -14.10 12.15
CA GLY A 275 10.61 -14.06 10.71
C GLY A 275 11.90 -14.30 9.94
N GLU A 276 13.01 -13.71 10.41
CA GLU A 276 14.29 -13.76 9.71
C GLU A 276 14.19 -13.24 8.28
N MET A 277 13.27 -12.34 8.01
CA MET A 277 13.27 -11.66 6.73
C MET A 277 14.17 -10.42 6.78
N CYS A 278 14.34 -9.79 5.61
CA CYS A 278 15.24 -8.65 5.44
C CYS A 278 14.56 -7.40 4.91
N ALA A 279 13.23 -7.33 4.92
CA ALA A 279 12.59 -6.11 4.43
C ALA A 279 12.79 -4.99 5.44
N LEU A 280 13.07 -3.81 4.92
CA LEU A 280 13.35 -2.65 5.75
C LEU A 280 12.05 -2.08 6.29
N PRO A 281 12.10 -1.41 7.45
CA PRO A 281 10.89 -0.76 7.97
C PRO A 281 10.21 0.16 6.95
N GLU A 282 10.98 0.80 6.06
CA GLU A 282 10.37 1.69 5.08
C GLU A 282 9.40 0.97 4.13
N ILE A 283 9.50 -0.36 3.99
CA ILE A 283 8.60 -1.02 3.06
C ILE A 283 7.16 -0.91 3.56
N PHE A 284 6.95 -0.88 4.87
CA PHE A 284 5.58 -0.80 5.37
C PHE A 284 4.93 0.55 5.07
N ALA A 285 5.74 1.60 4.88
CA ALA A 285 5.20 2.86 4.39
C ALA A 285 4.55 2.67 3.03
N HIS A 286 5.12 1.80 2.20
CA HIS A 286 4.61 1.57 0.86
C HIS A 286 3.51 0.53 0.82
N LEU A 287 3.63 -0.57 1.59
CA LEU A 287 2.51 -1.50 1.69
C LEU A 287 1.23 -0.79 2.14
N THR A 288 1.36 0.16 3.07
CA THR A 288 0.21 0.96 3.51
C THR A 288 -0.26 1.87 2.38
N HIS A 289 0.67 2.61 1.79
CA HIS A 289 0.32 3.55 0.72
C HIS A 289 -0.40 2.86 -0.43
N LEU A 290 0.08 1.68 -0.84
CA LEU A 290 -0.47 1.03 -2.03
C LEU A 290 -1.88 0.51 -1.80
N LEU A 291 -2.29 0.30 -0.54
CA LEU A 291 -3.64 -0.11 -0.19
C LEU A 291 -4.59 1.06 0.05
N MET A 292 -4.09 2.27 0.16
CA MET A 292 -4.94 3.37 0.59
C MET A 292 -5.93 3.86 -0.47
N PRO A 293 -5.69 3.70 -1.77
CA PRO A 293 -6.77 4.03 -2.72
C PRO A 293 -7.94 3.06 -2.72
N LEU A 294 -7.93 1.99 -1.93
CA LEU A 294 -9.05 1.07 -1.86
C LEU A 294 -10.09 1.59 -0.86
N ALA A 295 -11.35 1.26 -1.10
CA ALA A 295 -12.43 1.52 -0.12
C ALA A 295 -12.47 2.97 0.32
N ALA A 296 -12.17 3.89 -0.61
CA ALA A 296 -12.13 5.32 -0.32
C ALA A 296 -11.19 5.65 0.84
N GLY A 297 -10.14 4.84 1.01
CA GLY A 297 -9.19 5.08 2.07
C GLY A 297 -9.57 4.50 3.42
N LYS A 298 -10.69 3.79 3.53
CA LYS A 298 -11.14 3.26 4.82
C LYS A 298 -10.32 2.02 5.18
N MET A 299 -9.32 2.21 6.03
CA MET A 299 -8.34 1.20 6.34
C MET A 299 -8.14 1.13 7.84
N CYS A 300 -8.29 -0.08 8.41
CA CYS A 300 -8.05 -0.34 9.82
C CYS A 300 -6.83 -1.24 9.98
N VAL A 301 -5.78 -0.69 10.57
CA VAL A 301 -4.53 -1.41 10.80
C VAL A 301 -4.52 -1.94 12.22
N VAL A 302 -4.30 -3.24 12.38
CA VAL A 302 -4.41 -3.87 13.69
C VAL A 302 -3.10 -4.59 13.98
N LEU A 303 -2.43 -4.21 15.06
CA LEU A 303 -1.15 -4.83 15.39
C LEU A 303 -1.34 -6.31 15.73
N GLU A 304 -0.47 -7.15 15.12
CA GLU A 304 -0.36 -8.57 15.44
C GLU A 304 0.99 -8.78 16.12
N GLY A 305 1.97 -9.39 15.44
CA GLY A 305 3.27 -9.67 16.04
C GLY A 305 4.34 -8.63 15.72
N GLY A 306 5.59 -9.00 16.01
CA GLY A 306 6.75 -8.13 15.81
C GLY A 306 7.57 -8.06 17.09
N TYR A 307 8.80 -8.56 17.08
CA TYR A 307 9.49 -8.90 18.33
C TYR A 307 10.87 -8.31 18.47
N ASN A 308 11.41 -7.67 17.44
CA ASN A 308 12.65 -6.90 17.57
C ASN A 308 12.24 -5.49 17.91
N LEU A 309 12.47 -5.08 19.16
CA LEU A 309 11.87 -3.83 19.62
C LEU A 309 12.27 -2.66 18.73
N THR A 310 13.48 -2.69 18.15
CA THR A 310 13.88 -1.59 17.26
C THR A 310 13.12 -1.59 15.94
N SER A 311 13.19 -2.69 15.18
CA SER A 311 12.45 -2.69 13.92
C SER A 311 10.95 -2.56 14.15
N LEU A 312 10.46 -2.96 15.33
CA LEU A 312 9.04 -2.82 15.63
C LEU A 312 8.64 -1.35 15.68
N GLY A 313 9.37 -0.53 16.45
CA GLY A 313 9.03 0.89 16.53
C GLY A 313 9.15 1.61 15.20
N GLN A 314 10.20 1.30 14.44
CA GLN A 314 10.38 1.99 13.16
C GLN A 314 9.30 1.61 12.16
N SER A 315 8.89 0.33 12.15
CA SER A 315 7.86 -0.11 11.21
C SER A 315 6.51 0.46 11.60
N VAL A 316 6.22 0.54 12.90
CA VAL A 316 4.97 1.15 13.34
C VAL A 316 4.91 2.62 12.89
N CYS A 317 6.03 3.34 13.01
CA CYS A 317 6.04 4.75 12.58
C CYS A 317 5.88 4.91 11.08
N GLN A 318 6.55 4.06 10.28
CA GLN A 318 6.40 4.14 8.84
C GLN A 318 4.94 3.94 8.42
N THR A 319 4.23 3.06 9.11
CA THR A 319 2.82 2.83 8.79
C THR A 319 1.97 4.06 9.13
N VAL A 320 2.11 4.58 10.34
CA VAL A 320 1.26 5.71 10.75
C VAL A 320 1.60 6.95 9.93
N HIS A 321 2.89 7.18 9.64
CA HIS A 321 3.27 8.24 8.70
C HIS A 321 2.42 8.16 7.43
N SER A 322 2.28 6.95 6.88
CA SER A 322 1.53 6.77 5.64
C SER A 322 0.03 6.95 5.84
N LEU A 323 -0.50 6.47 6.98
CA LEU A 323 -1.91 6.72 7.28
C LEU A 323 -2.19 8.22 7.39
N LEU A 324 -1.24 8.98 7.93
CA LEU A 324 -1.40 10.44 8.05
C LEU A 324 -1.15 11.18 6.74
N GLY A 325 -0.69 10.50 5.68
CA GLY A 325 -0.46 11.14 4.40
C GLY A 325 0.92 11.73 4.18
N ASP A 326 1.87 11.47 5.07
CA ASP A 326 3.21 12.02 4.90
C ASP A 326 3.91 11.36 3.70
N PRO A 327 4.81 12.09 3.03
CA PRO A 327 5.44 11.54 1.82
C PRO A 327 6.18 10.24 2.10
N THR A 328 6.06 9.30 1.17
CA THR A 328 6.70 8.00 1.33
C THR A 328 8.22 8.14 1.14
N PRO A 329 9.02 7.33 1.84
CA PRO A 329 10.47 7.34 1.58
C PRO A 329 10.76 6.63 0.27
N ARG A 330 11.88 7.02 -0.34
CA ARG A 330 12.33 6.34 -1.56
C ARG A 330 12.96 5.00 -1.19
N ILE A 331 12.62 3.97 -1.97
CA ILE A 331 13.18 2.63 -1.80
C ILE A 331 14.19 2.40 -2.92
N SER A 332 15.46 2.31 -2.56
CA SER A 332 16.51 2.07 -3.53
C SER A 332 16.86 0.59 -3.56
N GLY A 333 17.56 0.18 -4.61
CA GLY A 333 18.09 -1.18 -4.70
C GLY A 333 17.10 -2.25 -5.08
N LEU A 334 15.93 -1.88 -5.59
CA LEU A 334 14.93 -2.89 -5.94
C LEU A 334 15.33 -3.59 -7.24
N GLY A 335 14.83 -4.81 -7.39
CA GLY A 335 15.06 -5.59 -8.59
C GLY A 335 14.18 -6.83 -8.58
N THR A 336 14.61 -7.90 -9.23
CA THR A 336 13.82 -9.12 -9.29
C THR A 336 13.61 -9.71 -7.91
N ALA A 337 12.42 -10.25 -7.68
CA ALA A 337 12.24 -11.17 -6.56
C ALA A 337 13.19 -12.36 -6.75
N CYS A 338 13.56 -13.01 -5.64
CA CYS A 338 14.39 -14.20 -5.73
C CYS A 338 13.58 -15.37 -6.32
N ASP A 339 14.31 -16.41 -6.75
CA ASP A 339 13.71 -17.56 -7.44
C ASP A 339 12.63 -18.21 -6.60
N SER A 340 12.92 -18.46 -5.32
CA SER A 340 11.93 -19.07 -4.44
C SER A 340 10.65 -18.23 -4.38
N ALA A 341 10.78 -16.89 -4.27
CA ALA A 341 9.59 -16.03 -4.26
C ALA A 341 8.88 -16.05 -5.59
N LEU A 342 9.64 -16.03 -6.69
CA LEU A 342 9.00 -16.10 -8.01
C LEU A 342 8.25 -17.41 -8.18
N GLU A 343 8.78 -18.50 -7.61
CA GLU A 343 8.07 -19.78 -7.64
C GLU A 343 6.75 -19.71 -6.86
N SER A 344 6.78 -19.22 -5.62
CA SER A 344 5.52 -19.03 -4.88
C SER A 344 4.57 -18.09 -5.61
N ILE A 345 5.08 -16.98 -6.15
CA ILE A 345 4.19 -16.05 -6.85
C ILE A 345 3.56 -16.71 -8.07
N GLN A 346 4.38 -17.44 -8.83
CA GLN A 346 3.89 -18.13 -10.03
C GLN A 346 2.89 -19.22 -9.66
N ASN A 347 3.11 -19.91 -8.56
CA ASN A 347 2.18 -20.99 -8.22
C ASN A 347 0.85 -20.44 -7.75
N VAL A 348 0.85 -19.34 -6.98
CA VAL A 348 -0.41 -18.81 -6.51
CA VAL A 348 -0.39 -18.73 -6.50
C VAL A 348 -1.18 -18.17 -7.66
N ARG A 349 -0.50 -17.44 -8.55
CA ARG A 349 -1.18 -16.85 -9.71
C ARG A 349 -1.86 -17.92 -10.56
N ASN A 350 -1.23 -19.09 -10.68
CA ASN A 350 -1.78 -20.16 -11.52
C ASN A 350 -2.99 -20.83 -10.87
N VAL A 351 -2.91 -21.18 -9.58
CA VAL A 351 -4.08 -21.78 -8.93
CA VAL A 351 -4.08 -21.79 -8.95
C VAL A 351 -5.23 -20.78 -8.84
N GLN A 352 -4.92 -19.48 -8.76
CA GLN A 352 -5.98 -18.48 -8.63
C GLN A 352 -6.53 -18.03 -9.98
N SER A 353 -5.94 -18.48 -11.09
CA SER A 353 -6.38 -18.05 -12.42
C SER A 353 -7.80 -18.49 -12.75
N SER A 354 -8.33 -19.48 -12.04
CA SER A 354 -9.72 -19.87 -12.23
C SER A 354 -10.69 -18.82 -11.69
N TYR A 355 -10.22 -17.91 -10.83
CA TYR A 355 -11.10 -17.08 -10.02
C TYR A 355 -10.97 -15.61 -10.27
N TRP A 356 -9.85 -15.12 -10.81
CA TRP A 356 -9.60 -13.69 -10.88
C TRP A 356 -9.25 -13.33 -12.30
N SER A 357 -9.84 -12.23 -12.78
CA SER A 357 -9.69 -11.84 -14.18
C SER A 357 -8.27 -11.37 -14.50
N SER A 358 -7.51 -10.87 -13.52
CA SER A 358 -6.14 -10.46 -13.81
C SER A 358 -5.22 -11.65 -14.09
N PHE A 359 -5.59 -12.84 -13.64
CA PHE A 359 -4.80 -14.05 -13.84
C PHE A 359 -5.38 -14.97 -14.92
N LYS A 360 -6.57 -14.64 -15.46
CA LYS A 360 -7.31 -15.57 -16.32
C LYS A 360 -6.51 -15.99 -17.57
N HIS A 361 -5.71 -15.07 -18.13
CA HIS A 361 -4.93 -15.38 -19.31
C HIS A 361 -3.93 -16.52 -19.09
N LEU A 362 -3.56 -16.80 -17.84
CA LEU A 362 -2.64 -17.90 -17.57
C LEU A 362 -3.26 -19.27 -17.83
N ALA A 363 -4.59 -19.37 -17.89
CA ALA A 363 -5.25 -20.67 -17.92
C ALA A 363 -5.37 -21.28 -19.32
N GLN A 364 -5.15 -20.52 -20.39
CA GLN A 364 -5.32 -21.01 -21.76
C GLN A 364 -4.03 -20.84 -22.54
N SER A 365 -3.80 -21.73 -23.51
CA SER A 365 -2.56 -21.69 -24.30
C SER A 365 -2.45 -20.41 -25.11
N GLU A 366 -3.58 -19.87 -25.59
CA GLU A 366 -3.56 -18.62 -26.36
C GLU A 366 -2.97 -17.46 -25.56
N ASN A 367 -2.87 -17.57 -24.23
CA ASN A 367 -2.24 -16.60 -23.31
C ASN A 367 -2.34 -15.13 -23.76
N ASP A 399 23.94 -8.97 16.75
CA ASP A 399 22.58 -8.88 16.21
C ASP A 399 22.58 -8.18 14.85
N ILE A 400 21.37 -7.91 14.32
CA ILE A 400 21.18 -7.32 13.00
C ILE A 400 21.25 -5.80 13.10
N VAL A 401 21.81 -5.16 12.06
CA VAL A 401 21.95 -3.71 11.99
C VAL A 401 21.49 -3.24 10.61
N TRP A 402 20.81 -2.09 10.59
CA TRP A 402 20.36 -1.47 9.34
C TRP A 402 20.22 0.03 9.57
N PRO A 403 20.29 0.83 8.51
CA PRO A 403 20.26 2.29 8.69
C PRO A 403 18.92 2.82 9.21
N GLU A 404 19.00 3.74 10.17
CA GLU A 404 17.80 4.38 10.71
C GLU A 404 17.03 5.07 9.59
N PRO A 405 15.70 4.91 9.52
CA PRO A 405 14.93 5.55 8.44
C PRO A 405 14.99 7.07 8.56
N LEU A 406 15.09 7.74 7.41
CA LEU A 406 15.16 9.19 7.34
C LEU A 406 13.85 9.82 7.82
N LYS A 407 13.90 11.11 8.13
CA LYS A 407 12.73 11.81 8.65
C LYS A 407 11.71 12.05 7.54
N ARG A 408 10.43 11.98 7.89
CA ARG A 408 9.33 12.25 6.96
C ARG A 408 8.53 13.44 7.49
N MET A 409 8.70 14.61 6.83
CA MET A 409 8.01 15.84 7.22
C MET A 409 6.84 16.10 6.27
N PRO A 410 5.62 16.28 6.76
CA PRO A 410 4.54 16.76 5.88
C PRO A 410 4.83 18.18 5.40
N ALA A 411 4.64 18.41 4.10
CA ALA A 411 4.97 19.70 3.51
C ALA A 411 3.99 20.79 3.98
N SER A 412 4.54 21.99 4.22
CA SER A 412 3.74 23.12 4.71
C SER A 412 2.50 23.34 3.84
N VAL A 413 2.71 23.51 2.54
CA VAL A 413 1.67 23.41 1.54
C VAL A 413 1.97 22.16 0.72
N ARG A 414 1.07 21.18 0.79
CA ARG A 414 1.31 19.94 0.05
C ARG A 414 1.33 20.20 -1.46
N THR A 415 0.33 20.90 -1.97
CA THR A 415 0.11 20.98 -3.41
C THR A 415 -0.08 22.42 -3.86
N VAL A 416 0.67 22.83 -4.87
CA VAL A 416 0.49 24.13 -5.50
C VAL A 416 -0.20 23.92 -6.83
N VAL A 417 -1.04 24.87 -7.20
CA VAL A 417 -1.85 24.74 -8.39
C VAL A 417 -1.79 26.04 -9.18
N VAL A 418 -1.72 25.93 -10.49
CA VAL A 418 -1.63 27.09 -11.38
C VAL A 418 -2.71 26.93 -12.45
N PRO A 419 -3.95 27.35 -12.18
CA PRO A 419 -5.01 27.29 -13.20
C PRO A 419 -4.79 28.35 -14.27
N PRO A 420 -5.60 28.38 -15.32
CA PRO A 420 -5.46 29.43 -16.35
C PRO A 420 -5.73 30.81 -15.76
N PRO A 421 -5.27 31.88 -16.41
CA PRO A 421 -5.39 33.22 -15.80
C PRO A 421 -6.85 33.59 -15.52
N GLY A 422 -7.09 34.07 -14.30
CA GLY A 422 -8.40 34.52 -13.89
C GLY A 422 -9.31 33.45 -13.32
N VAL A 423 -8.99 32.17 -13.52
CA VAL A 423 -9.84 31.09 -13.05
C VAL A 423 -9.59 30.89 -11.56
N GLU A 424 -10.60 31.15 -10.74
CA GLU A 424 -10.53 30.94 -9.30
C GLU A 424 -11.17 29.60 -8.97
N LEU A 425 -10.52 28.84 -8.10
CA LEU A 425 -11.02 27.52 -7.73
C LEU A 425 -11.11 27.41 -6.21
N THR A 426 -12.05 26.59 -5.76
CA THR A 426 -12.10 26.21 -4.35
C THR A 426 -11.12 25.07 -4.14
N LEU A 427 -10.09 25.31 -3.34
CA LEU A 427 -9.06 24.32 -3.15
C LEU A 427 -9.14 23.69 -1.78
N PRO A 428 -8.69 22.43 -1.62
CA PRO A 428 -8.51 21.86 -0.28
C PRO A 428 -7.62 22.73 0.59
N LYS A 429 -7.71 22.57 1.92
CA LYS A 429 -7.03 23.48 2.83
C LYS A 429 -5.51 23.38 2.74
N ASN A 430 -4.98 22.26 2.20
CA ASN A 430 -3.54 22.07 2.06
C ASN A 430 -3.05 22.33 0.64
N CYS A 431 -3.86 22.96 -0.21
CA CYS A 431 -3.43 23.46 -1.52
C CYS A 431 -3.46 24.97 -1.57
N GLN A 432 -2.85 25.50 -2.62
CA GLN A 432 -2.54 26.92 -2.71
C GLN A 432 -2.31 27.27 -4.16
N HIS A 433 -2.79 28.45 -4.57
CA HIS A 433 -2.39 28.98 -5.86
C HIS A 433 -0.92 29.38 -5.79
N SER A 434 -0.31 29.57 -6.96
CA SER A 434 1.08 30.01 -6.99
C SER A 434 1.44 30.55 -8.36
N GLY A 435 1.05 31.79 -8.66
CA GLY A 435 1.36 32.37 -9.95
C GLY A 435 2.40 33.48 -9.88
N ASP A 436 2.80 33.85 -8.67
CA ASP A 436 3.65 35.02 -8.40
C ASP A 436 5.10 34.72 -8.81
N ILE A 437 5.40 34.95 -10.09
CA ILE A 437 6.75 34.69 -10.61
C ILE A 437 7.74 35.70 -10.02
N SER A 438 8.81 35.18 -9.41
CA SER A 438 9.81 36.02 -8.79
C SER A 438 10.53 36.87 -9.83
N GLU A 439 11.46 37.70 -9.35
CA GLU A 439 12.31 38.46 -10.27
C GLU A 439 13.37 37.53 -10.87
N SER A 440 14.02 36.73 -10.03
CA SER A 440 15.09 35.85 -10.51
C SER A 440 14.56 34.76 -11.44
N THR A 441 13.38 34.23 -11.14
CA THR A 441 12.77 33.24 -12.02
C THR A 441 12.48 33.82 -13.39
N ALA A 442 12.01 35.07 -13.44
CA ALA A 442 11.70 35.70 -14.72
C ALA A 442 12.95 35.95 -15.56
N LYS A 443 14.11 36.16 -14.90
CA LYS A 443 15.36 36.24 -15.64
C LYS A 443 15.72 34.88 -16.25
N GLU A 444 15.41 33.79 -15.55
CA GLU A 444 15.71 32.47 -16.09
C GLU A 444 14.86 32.18 -17.33
N VAL A 445 13.61 32.62 -17.32
CA VAL A 445 12.75 32.38 -18.49
C VAL A 445 13.30 33.13 -19.71
N GLN A 446 13.71 34.40 -19.53
CA GLN A 446 14.27 35.15 -20.66
C GLN A 446 15.52 34.46 -21.21
N ARG A 447 16.41 34.05 -20.30
CA ARG A 447 17.56 33.21 -20.67
C ARG A 447 17.17 32.07 -21.60
N ILE A 448 16.24 31.22 -21.13
CA ILE A 448 15.85 30.02 -21.86
C ILE A 448 15.21 30.37 -23.20
N ARG A 449 14.40 31.43 -23.24
CA ARG A 449 13.77 31.83 -24.50
C ARG A 449 14.82 32.24 -25.53
N ASP A 450 15.80 33.04 -25.12
CA ASP A 450 16.81 33.54 -26.04
C ASP A 450 17.65 32.40 -26.62
N LYS A 451 17.91 31.36 -25.83
CA LYS A 451 18.81 30.27 -26.20
C LYS A 451 18.15 29.18 -27.03
N HIS A 452 16.94 28.74 -26.68
CA HIS A 452 16.33 27.57 -27.31
C HIS A 452 15.05 27.83 -28.06
N PHE A 453 14.34 28.93 -27.77
CA PHE A 453 13.13 29.27 -28.49
C PHE A 453 13.16 30.77 -28.78
N HIS A 454 14.16 31.19 -29.56
CA HIS A 454 14.33 32.60 -29.88
C HIS A 454 13.08 33.18 -30.52
N ASP A 455 12.37 32.38 -31.31
CA ASP A 455 11.22 32.86 -32.09
C ASP A 455 9.90 32.54 -31.39
N LEU A 456 9.75 33.02 -30.16
CA LEU A 456 8.48 32.86 -29.46
C LEU A 456 8.23 34.05 -28.54
N THR A 457 7.04 34.65 -28.67
CA THR A 457 6.65 35.82 -27.89
C THR A 457 5.28 35.71 -27.25
N ASP A 458 4.54 34.63 -27.51
CA ASP A 458 3.27 34.35 -26.83
C ASP A 458 3.44 34.52 -25.32
N GLN A 459 3.11 35.70 -24.79
CA GLN A 459 3.40 36.00 -23.39
C GLN A 459 2.63 35.13 -22.41
N ASN A 460 1.66 34.33 -22.87
CA ASN A 460 0.99 33.36 -22.01
C ASN A 460 1.85 32.11 -21.83
N ILE A 461 2.35 31.55 -22.94
CA ILE A 461 3.28 30.42 -22.86
C ILE A 461 4.53 30.78 -22.09
N LEU A 462 4.95 32.05 -22.13
CA LEU A 462 6.10 32.46 -21.34
C LEU A 462 5.77 32.60 -19.86
N ARG A 463 4.53 32.97 -19.53
CA ARG A 463 4.09 32.89 -18.14
C ARG A 463 4.02 31.43 -17.70
N SER A 464 3.54 30.56 -18.59
CA SER A 464 3.53 29.12 -18.35
C SER A 464 4.91 28.62 -17.90
N LEU A 465 5.97 29.02 -18.63
CA LEU A 465 7.33 28.61 -18.25
C LEU A 465 7.75 29.20 -16.92
N GLY A 466 7.35 30.43 -16.62
CA GLY A 466 7.62 30.97 -15.30
C GLY A 466 6.95 30.14 -14.21
N ASN A 467 5.73 29.70 -14.45
CA ASN A 467 5.01 28.91 -13.45
C ASN A 467 5.69 27.56 -13.21
N ILE A 468 6.06 26.86 -14.30
CA ILE A 468 6.71 25.57 -14.18
C ILE A 468 7.99 25.67 -13.36
N ILE A 469 8.83 26.66 -13.68
CA ILE A 469 10.10 26.80 -12.99
C ILE A 469 9.87 27.17 -11.53
N SER A 470 8.97 28.11 -11.26
CA SER A 470 8.76 28.51 -9.87
C SER A 470 8.11 27.39 -9.06
N VAL A 471 7.22 26.60 -9.67
CA VAL A 471 6.65 25.46 -8.95
C VAL A 471 7.71 24.38 -8.71
N LEU A 472 8.52 24.08 -9.73
CA LEU A 472 9.57 23.07 -9.57
C LEU A 472 10.56 23.46 -8.49
N ASP A 473 10.93 24.75 -8.43
CA ASP A 473 11.88 25.22 -7.41
C ASP A 473 11.32 25.01 -6.00
N ARG A 474 10.03 25.29 -5.81
CA ARG A 474 9.42 25.07 -4.49
C ARG A 474 9.39 23.59 -4.14
N MET A 475 9.10 22.73 -5.12
CA MET A 475 9.03 21.30 -4.88
C MET A 475 10.37 20.73 -4.46
N MET A 476 11.44 21.14 -5.13
CA MET A 476 12.75 20.54 -4.94
C MET A 476 13.62 21.27 -3.93
N ARG A 477 13.75 22.59 -4.05
CA ARG A 477 14.66 23.32 -3.17
C ARG A 477 14.20 23.36 -1.72
N SER A 478 13.03 22.80 -1.38
CA SER A 478 12.53 22.92 -0.01
C SER A 478 11.51 21.83 0.29
N ASP A 479 11.27 21.63 1.58
CA ASP A 479 10.18 20.80 2.08
C ASP A 479 8.90 21.61 2.29
N GLU A 480 8.84 22.84 1.78
CA GLU A 480 7.65 23.65 1.95
C GLU A 480 6.52 23.22 1.01
N VAL A 481 6.84 22.70 -0.17
CA VAL A 481 5.86 22.20 -1.12
C VAL A 481 6.24 20.77 -1.52
N CYS A 482 5.23 19.91 -1.71
CA CYS A 482 5.50 18.53 -2.10
C CYS A 482 5.34 18.33 -3.61
N ASN A 483 4.19 18.69 -4.18
CA ASN A 483 3.93 18.47 -5.60
C ASN A 483 3.07 19.61 -6.14
N GLY A 484 2.71 19.52 -7.41
CA GLY A 484 2.01 20.63 -8.03
C GLY A 484 1.41 20.25 -9.36
N CYS A 485 0.58 21.16 -9.88
CA CYS A 485 -0.11 20.94 -11.14
C CYS A 485 -0.23 22.28 -11.87
N VAL A 486 0.19 22.31 -13.13
CA VAL A 486 0.16 23.51 -13.96
C VAL A 486 -0.65 23.22 -15.22
N VAL A 487 -1.59 24.12 -15.55
CA VAL A 487 -2.27 24.10 -16.85
C VAL A 487 -1.41 24.87 -17.85
N VAL A 488 -1.26 24.34 -19.06
CA VAL A 488 -0.34 24.90 -20.05
C VAL A 488 -1.01 24.92 -21.41
N SER A 489 -0.43 25.70 -22.32
CA SER A 489 -0.90 25.87 -23.70
C SER A 489 -0.17 24.96 -24.66
N ASP A 490 1.16 25.04 -24.68
CA ASP A 490 2.01 24.34 -25.64
C ASP A 490 2.77 23.26 -24.90
N LEU A 491 2.54 22.00 -25.28
CA LEU A 491 3.18 20.88 -24.59
C LEU A 491 4.68 20.89 -24.80
N SER A 492 5.14 20.99 -26.05
CA SER A 492 6.54 20.72 -26.38
C SER A 492 7.49 21.62 -25.58
N VAL A 493 7.25 22.94 -25.60
CA VAL A 493 8.15 23.83 -24.88
C VAL A 493 7.98 23.70 -23.38
N SER A 494 6.75 23.45 -22.92
CA SER A 494 6.49 23.23 -21.49
C SER A 494 7.24 22.00 -20.99
N VAL A 495 7.15 20.89 -21.74
CA VAL A 495 7.79 19.65 -21.33
C VAL A 495 9.30 19.81 -21.29
N GLN A 496 9.87 20.46 -22.32
CA GLN A 496 11.31 20.69 -22.35
C GLN A 496 11.77 21.47 -21.12
N CYS A 497 11.11 22.59 -20.83
CA CYS A 497 11.56 23.40 -19.71
C CYS A 497 11.39 22.66 -18.40
N ALA A 498 10.28 21.96 -18.24
CA ALA A 498 10.08 21.17 -17.03
C ALA A 498 11.15 20.10 -16.89
N LEU A 499 11.33 19.31 -17.94
CA LEU A 499 12.27 18.19 -17.88
C LEU A 499 13.70 18.69 -17.72
N GLN A 500 14.11 19.63 -18.58
CA GLN A 500 15.47 20.15 -18.52
C GLN A 500 15.73 20.87 -17.21
N HIS A 501 14.73 21.59 -16.69
CA HIS A 501 14.99 22.29 -15.43
C HIS A 501 15.14 21.30 -14.29
N ALA A 502 14.41 20.18 -14.34
CA ALA A 502 14.53 19.17 -13.30
C ALA A 502 15.88 18.47 -13.38
N LEU A 503 16.37 18.20 -14.59
CA LEU A 503 17.62 17.46 -14.76
C LEU A 503 18.82 18.24 -14.26
N THR A 504 18.83 19.57 -14.44
CA THR A 504 19.97 20.37 -13.98
C THR A 504 19.95 20.65 -12.48
N GLU A 505 18.81 20.53 -11.83
CA GLU A 505 18.65 20.98 -10.43
C GLU A 505 19.70 20.48 -9.44
N PRO A 506 20.23 19.23 -9.52
CA PRO A 506 19.88 18.08 -10.36
C PRO A 506 18.96 17.08 -9.67
N ALA A 507 18.00 16.56 -10.42
CA ALA A 507 17.27 15.35 -10.06
C ALA A 507 17.90 14.20 -10.85
N GLU A 508 18.45 13.23 -10.12
CA GLU A 508 19.21 12.17 -10.77
C GLU A 508 18.39 11.50 -11.88
N ARG A 509 17.14 11.15 -11.59
CA ARG A 509 16.28 10.45 -12.53
C ARG A 509 14.89 11.06 -12.53
N VAL A 510 14.26 11.06 -13.70
CA VAL A 510 12.92 11.59 -13.86
C VAL A 510 12.06 10.53 -14.51
N LEU A 511 10.91 10.25 -13.93
CA LEU A 511 9.92 9.39 -14.56
C LEU A 511 8.88 10.29 -15.21
N VAL A 512 8.60 10.03 -16.48
CA VAL A 512 7.63 10.78 -17.26
C VAL A 512 6.46 9.87 -17.57
N VAL A 513 5.25 10.32 -17.24
CA VAL A 513 4.03 9.57 -17.57
C VAL A 513 3.20 10.46 -18.48
N TYR A 514 3.04 10.04 -19.73
CA TYR A 514 2.43 10.86 -20.76
C TYR A 514 1.18 10.18 -21.26
N VAL A 515 0.05 10.86 -21.16
CA VAL A 515 -1.21 10.41 -21.74
C VAL A 515 -1.45 11.23 -22.99
N GLY A 516 -1.26 10.61 -24.15
CA GLY A 516 -1.44 11.31 -25.40
C GLY A 516 -0.66 10.60 -26.51
N ASP A 517 -0.75 11.17 -27.70
CA ASP A 517 -0.08 10.60 -28.85
C ASP A 517 0.98 11.54 -29.38
N GLY A 518 1.80 11.02 -30.28
CA GLY A 518 2.91 11.78 -30.84
C GLY A 518 4.15 11.74 -29.95
N GLU A 519 5.26 12.15 -30.54
CA GLU A 519 6.51 12.17 -29.81
C GLU A 519 6.65 13.49 -29.06
N LEU A 520 7.31 13.43 -27.92
CA LEU A 520 7.60 14.59 -27.10
C LEU A 520 9.08 14.91 -27.16
N PRO A 521 9.48 16.13 -26.77
CA PRO A 521 10.92 16.44 -26.67
C PRO A 521 11.56 15.77 -25.45
N VAL A 522 11.57 14.44 -25.43
CA VAL A 522 12.10 13.65 -24.33
C VAL A 522 13.13 12.68 -24.89
N LYS A 523 14.37 12.74 -24.37
CA LYS A 523 15.43 11.81 -24.76
C LYS A 523 15.61 10.77 -23.67
N THR A 524 15.39 9.49 -24.02
CA THR A 524 15.52 8.38 -23.09
C THR A 524 16.75 7.51 -23.40
N ASN A 525 17.89 8.16 -23.68
CA ASN A 525 19.08 7.45 -24.13
C ASN A 525 20.19 7.40 -23.09
N ASP A 526 20.15 8.24 -22.07
CA ASP A 526 21.23 8.32 -21.08
C ASP A 526 20.90 7.58 -19.80
N GLY A 527 19.74 6.94 -19.74
CA GLY A 527 19.28 6.29 -18.53
C GLY A 527 18.71 7.21 -17.45
N LYS A 528 18.69 8.53 -17.67
CA LYS A 528 18.18 9.43 -16.65
C LYS A 528 16.67 9.60 -16.71
N VAL A 529 16.04 9.19 -17.80
CA VAL A 529 14.61 9.33 -17.98
C VAL A 529 14.02 7.97 -18.32
N PHE A 530 12.90 7.63 -17.68
CA PHE A 530 12.03 6.56 -18.16
C PHE A 530 10.72 7.18 -18.61
N LEU A 531 10.23 6.78 -19.77
CA LEU A 531 9.02 7.33 -20.35
C LEU A 531 7.93 6.26 -20.37
N VAL A 532 6.88 6.45 -19.58
CA VAL A 532 5.64 5.71 -19.72
C VAL A 532 4.71 6.54 -20.61
N GLN A 533 4.17 5.93 -21.66
CA GLN A 533 3.26 6.63 -22.54
C GLN A 533 2.00 5.79 -22.74
N ILE A 534 0.85 6.39 -22.48
CA ILE A 534 -0.44 5.78 -22.74
C ILE A 534 -1.04 6.49 -23.93
N CYS A 535 -1.19 5.76 -25.03
CA CYS A 535 -1.57 6.36 -26.31
C CYS A 535 -2.67 5.54 -26.98
N THR A 536 -3.04 5.92 -28.21
CA THR A 536 -4.09 5.23 -28.94
C THR A 536 -3.62 4.57 -30.24
N LYS A 537 -2.44 4.89 -30.74
CA LYS A 537 -1.89 4.27 -31.94
C LYS A 537 -0.73 3.35 -31.54
N GLU A 538 -0.75 2.12 -32.05
CA GLU A 538 0.22 1.10 -31.64
C GLU A 538 1.58 1.42 -32.26
N THR A 539 2.50 1.92 -31.44
CA THR A 539 3.82 2.34 -31.90
C THR A 539 4.87 1.34 -31.40
N GLU A 540 5.70 0.87 -32.34
CA GLU A 540 6.69 -0.15 -32.00
C GLU A 540 7.70 0.38 -30.99
N ASP A 541 8.02 -0.45 -30.01
CA ASP A 541 8.90 -0.07 -28.90
C ASP A 541 10.33 -0.47 -29.23
N LYS A 542 11.26 0.47 -29.02
CA LYS A 542 12.66 0.26 -29.39
C LYS A 542 13.53 -0.12 -28.19
N CYS A 543 13.67 0.78 -27.22
CA CYS A 543 14.62 0.50 -26.16
CA CYS A 543 14.62 0.69 -26.11
C CYS A 543 13.89 0.28 -24.83
N VAL A 544 14.67 -0.10 -23.83
CA VAL A 544 14.10 -0.59 -22.58
C VAL A 544 13.88 0.53 -21.58
N ASN A 545 13.98 1.78 -22.00
CA ASN A 545 13.66 2.89 -21.13
C ASN A 545 12.34 3.54 -21.49
N ARG A 546 11.50 2.81 -22.21
CA ARG A 546 10.20 3.28 -22.62
C ARG A 546 9.21 2.13 -22.49
N LEU A 547 8.02 2.45 -21.99
CA LEU A 547 6.90 1.53 -21.91
C LEU A 547 5.74 2.23 -22.59
N THR A 548 5.31 1.71 -23.74
CA THR A 548 4.25 2.32 -24.53
C THR A 548 3.05 1.39 -24.53
N LEU A 549 1.95 1.87 -23.98
CA LEU A 549 0.72 1.11 -23.79
C LEU A 549 -0.34 1.68 -24.71
N CYS A 550 -0.68 0.94 -25.75
CA CYS A 550 -1.76 1.35 -26.65
C CYS A 550 -2.95 0.46 -26.32
N LEU A 551 -3.93 1.03 -25.63
CA LEU A 551 -5.09 0.29 -25.16
C LEU A 551 -6.28 0.53 -26.08
N ARG A 552 -7.00 -0.55 -26.41
CA ARG A 552 -8.20 -0.46 -27.23
C ARG A 552 -9.26 0.39 -26.54
N GLU A 553 -9.68 1.47 -27.19
CA GLU A 553 -10.75 2.30 -26.66
C GLU A 553 -12.07 1.53 -26.65
N GLY A 554 -12.85 1.70 -25.59
CA GLY A 554 -14.12 0.99 -25.46
C GLY A 554 -14.50 0.84 -23.99
N GLU A 555 -15.41 -0.11 -23.75
CA GLU A 555 -15.99 -0.27 -22.42
C GLU A 555 -14.97 -0.78 -21.41
N SER A 556 -13.98 -1.55 -21.84
CA SER A 556 -13.04 -2.20 -20.94
C SER A 556 -11.71 -1.46 -20.83
N LEU A 557 -11.69 -0.16 -21.11
CA LEU A 557 -10.46 0.60 -20.96
C LEU A 557 -10.05 0.74 -19.49
N THR A 558 -11.01 0.76 -18.58
CA THR A 558 -10.68 1.00 -17.18
C THR A 558 -9.93 -0.19 -16.59
N ALA A 559 -10.44 -1.40 -16.79
CA ALA A 559 -9.75 -2.59 -16.30
C ALA A 559 -8.37 -2.73 -16.92
N GLY A 560 -8.25 -2.48 -18.22
CA GLY A 560 -6.96 -2.60 -18.88
C GLY A 560 -5.92 -1.66 -18.32
N PHE A 561 -6.32 -0.41 -18.06
CA PHE A 561 -5.40 0.56 -17.47
C PHE A 561 -4.95 0.14 -16.08
N MET A 562 -5.91 -0.27 -15.24
CA MET A 562 -5.53 -0.72 -13.89
C MET A 562 -4.59 -1.92 -13.96
N GLN A 563 -4.86 -2.86 -14.85
CA GLN A 563 -3.96 -4.01 -14.98
C GLN A 563 -2.55 -3.57 -15.38
N ALA A 564 -2.46 -2.64 -16.34
CA ALA A 564 -1.17 -2.08 -16.75
C ALA A 564 -0.49 -1.34 -15.60
N LEU A 565 -1.28 -0.56 -14.84
CA LEU A 565 -0.71 0.26 -13.77
C LEU A 565 -0.08 -0.60 -12.69
N LEU A 566 -0.79 -1.64 -12.25
CA LEU A 566 -0.35 -2.46 -11.14
C LEU A 566 0.74 -3.45 -11.56
N GLY A 567 0.67 -3.97 -12.77
CA GLY A 567 1.55 -5.04 -13.19
C GLY A 567 2.69 -4.62 -14.09
N LEU A 568 2.65 -3.39 -14.62
CA LEU A 568 3.74 -2.90 -15.47
C LEU A 568 4.30 -1.55 -15.02
N ILE A 569 3.45 -0.54 -14.86
CA ILE A 569 3.94 0.81 -14.59
C ILE A 569 4.56 0.90 -13.19
N LEU A 570 3.85 0.44 -12.17
CA LEU A 570 4.40 0.55 -10.82
C LEU A 570 5.66 -0.29 -10.63
N PRO A 571 5.72 -1.55 -11.06
CA PRO A 571 7.00 -2.29 -10.93
C PRO A 571 8.18 -1.58 -11.55
N VAL A 572 8.04 -1.08 -12.78
CA VAL A 572 9.17 -0.39 -13.38
C VAL A 572 9.49 0.89 -12.62
N ALA A 573 8.45 1.67 -12.30
CA ALA A 573 8.68 2.94 -11.63
C ALA A 573 9.41 2.74 -10.31
N TYR A 574 8.98 1.74 -9.53
CA TYR A 574 9.61 1.49 -8.25
C TYR A 574 11.07 1.08 -8.42
N GLU A 575 11.37 0.30 -9.46
CA GLU A 575 12.77 -0.09 -9.65
C GLU A 575 13.60 1.08 -10.18
N PHE A 576 13.05 1.83 -11.13
CA PHE A 576 13.70 3.04 -11.64
C PHE A 576 14.07 4.00 -10.50
N ASN A 577 13.15 4.20 -9.54
CA ASN A 577 13.34 5.05 -8.37
C ASN A 577 13.63 6.49 -8.78
N PRO A 578 12.69 7.17 -9.41
CA PRO A 578 12.96 8.54 -9.87
C PRO A 578 13.03 9.51 -8.69
N ALA A 579 13.68 10.65 -8.93
CA ALA A 579 13.66 11.75 -7.97
C ALA A 579 12.52 12.71 -8.23
N LEU A 580 11.93 12.67 -9.42
CA LEU A 580 10.78 13.48 -9.73
C LEU A 580 9.91 12.70 -10.71
N VAL A 581 8.59 12.82 -10.55
CA VAL A 581 7.64 12.28 -11.51
C VAL A 581 7.04 13.45 -12.27
N LEU A 582 7.03 13.36 -13.60
CA LEU A 582 6.45 14.38 -14.46
C LEU A 582 5.27 13.75 -15.20
N GLY A 583 4.06 14.21 -14.90
CA GLY A 583 2.86 13.74 -15.58
C GLY A 583 2.41 14.75 -16.63
N ILE A 584 1.91 14.22 -17.75
CA ILE A 584 1.60 15.04 -18.93
C ILE A 584 0.34 14.47 -19.56
N VAL A 585 -0.67 15.33 -19.75
CA VAL A 585 -1.96 14.93 -20.32
C VAL A 585 -2.24 15.81 -21.54
N GLU A 586 -2.27 15.18 -22.71
CA GLU A 586 -2.62 15.85 -23.95
C GLU A 586 -4.09 16.29 -23.91
N GLU A 587 -4.38 17.45 -24.51
CA GLU A 587 -5.71 18.03 -24.40
C GLU A 587 -6.77 17.10 -24.99
N THR A 588 -6.49 16.52 -26.16
CA THR A 588 -7.40 15.54 -26.73
C THR A 588 -7.55 14.34 -25.80
N THR A 592 -11.04 11.81 -23.23
CA THR A 592 -10.46 11.63 -21.89
C THR A 592 -11.33 10.74 -21.00
N ARG A 593 -11.31 9.43 -21.34
CA ARG A 593 -11.64 8.32 -20.44
C ARG A 593 -10.67 8.23 -19.27
N LEU A 594 -9.75 9.20 -19.19
CA LEU A 594 -8.90 9.41 -18.03
C LEU A 594 -9.70 9.46 -16.74
N MET A 595 -10.80 10.21 -16.74
CA MET A 595 -11.46 10.63 -15.50
C MET A 595 -11.74 9.45 -14.59
N ARG A 596 -11.91 8.26 -15.16
CA ARG A 596 -12.17 7.09 -14.33
C ARG A 596 -10.93 6.71 -13.52
N VAL A 597 -9.72 6.87 -14.06
CA VAL A 597 -8.60 6.17 -13.45
C VAL A 597 -7.41 7.09 -13.19
N TRP A 598 -7.48 8.34 -13.66
CA TRP A 598 -6.37 9.26 -13.44
C TRP A 598 -6.14 9.53 -11.95
N GLY A 599 -7.20 9.46 -11.14
CA GLY A 599 -7.04 9.69 -9.71
C GLY A 599 -6.29 8.56 -9.01
N HIS A 600 -6.51 7.31 -9.44
CA HIS A 600 -5.79 6.19 -8.86
C HIS A 600 -4.32 6.22 -9.24
N MET A 601 -4.02 6.52 -10.50
CA MET A 601 -2.62 6.60 -10.90
C MET A 601 -1.90 7.70 -10.15
N THR A 602 -2.50 8.90 -10.07
CA THR A 602 -1.87 10.02 -9.39
C THR A 602 -1.61 9.69 -7.93
N CYS A 603 -2.57 9.03 -7.29
CA CYS A 603 -2.38 8.60 -5.90
C CYS A 603 -1.26 7.57 -5.77
N LEU A 604 -1.31 6.52 -6.60
CA LEU A 604 -0.32 5.44 -6.45
C LEU A 604 1.08 5.90 -6.86
N ILE A 605 1.17 6.73 -7.91
CA ILE A 605 2.48 7.15 -8.37
C ILE A 605 3.19 8.04 -7.35
N GLN A 606 2.47 8.60 -6.37
CA GLN A 606 3.14 9.33 -5.29
C GLN A 606 3.93 8.41 -4.36
N GLY A 607 3.88 7.08 -4.54
CA GLY A 607 4.85 6.25 -3.86
C GLY A 607 6.29 6.50 -4.31
N LEU A 608 6.47 7.07 -5.51
CA LEU A 608 7.80 7.35 -6.02
C LEU A 608 8.21 8.79 -5.68
N ALA A 609 9.53 9.01 -5.60
CA ALA A 609 10.09 10.37 -5.55
C ALA A 609 9.57 11.15 -4.35
N ARG A 610 9.32 10.47 -3.23
CA ARG A 610 8.69 11.05 -2.04
C ARG A 610 7.47 11.92 -2.38
N GLY A 611 6.71 11.50 -3.38
CA GLY A 611 5.49 12.19 -3.73
C GLY A 611 5.68 13.41 -4.57
N ARG A 612 6.92 13.72 -4.95
CA ARG A 612 7.22 14.94 -5.68
C ARG A 612 6.88 14.72 -7.15
N MET A 613 5.68 15.14 -7.54
CA MET A 613 5.17 14.98 -8.88
C MET A 613 4.69 16.32 -9.45
N LEU A 614 5.04 16.60 -10.71
CA LEU A 614 4.54 17.77 -11.41
C LEU A 614 3.68 17.32 -12.58
N THR A 615 2.41 17.70 -12.58
CA THR A 615 1.49 17.35 -13.63
C THR A 615 1.20 18.56 -14.52
N LEU A 616 1.35 18.37 -15.83
CA LEU A 616 1.07 19.39 -16.84
C LEU A 616 -0.20 18.98 -17.57
N LEU A 617 -1.25 19.78 -17.43
CA LEU A 617 -2.50 19.52 -18.13
C LEU A 617 -2.60 20.49 -19.30
N GLN A 618 -2.74 19.96 -20.50
CA GLN A 618 -2.87 20.82 -21.68
C GLN A 618 -4.34 21.15 -21.89
N GLY A 619 -4.64 22.45 -21.92
CA GLY A 619 -6.00 22.93 -21.95
C GLY A 619 -6.63 22.95 -20.57
N TYR A 620 -7.71 23.72 -20.45
CA TYR A 620 -8.46 23.76 -19.20
C TYR A 620 -9.57 22.72 -19.27
N ASP A 621 -9.61 21.87 -18.26
CA ASP A 621 -10.71 20.92 -18.04
C ASP A 621 -10.95 20.95 -16.54
N LYS A 622 -12.09 21.52 -16.11
CA LYS A 622 -12.30 21.76 -14.69
C LYS A 622 -12.30 20.46 -13.90
N ASP A 623 -13.03 19.47 -14.40
CA ASP A 623 -13.11 18.18 -13.70
C ASP A 623 -11.75 17.54 -13.58
N LEU A 624 -10.98 17.51 -14.68
CA LEU A 624 -9.67 16.88 -14.64
C LEU A 624 -8.72 17.64 -13.71
N LEU A 625 -8.76 18.98 -13.76
CA LEU A 625 -7.91 19.77 -12.88
C LEU A 625 -8.27 19.55 -11.41
N GLU A 626 -9.57 19.57 -11.10
CA GLU A 626 -9.99 19.36 -9.72
C GLU A 626 -9.64 17.96 -9.26
N LEU A 627 -9.77 16.97 -10.14
CA LEU A 627 -9.46 15.58 -9.80
C LEU A 627 -7.97 15.37 -9.58
N THR A 628 -7.14 15.99 -10.43
CA THR A 628 -5.69 15.91 -10.25
C THR A 628 -5.28 16.53 -8.92
N VAL A 629 -5.71 17.76 -8.67
CA VAL A 629 -5.37 18.44 -7.42
C VAL A 629 -5.83 17.62 -6.22
N SER A 630 -7.01 17.00 -6.31
CA SER A 630 -7.53 16.22 -5.19
C SER A 630 -6.61 15.06 -4.85
N ALA A 631 -6.20 14.29 -5.86
CA ALA A 631 -5.35 13.15 -5.58
C ALA A 631 -3.95 13.59 -5.17
N LEU A 632 -3.43 14.63 -5.83
CA LEU A 632 -2.12 15.17 -5.44
C LEU A 632 -2.10 15.62 -4.00
N SER A 633 -3.23 16.16 -3.50
CA SER A 633 -3.28 16.74 -2.17
C SER A 633 -3.55 15.72 -1.07
N GLY A 634 -3.65 14.44 -1.41
CA GLY A 634 -3.81 13.41 -0.40
C GLY A 634 -5.24 13.09 -0.05
N ALA A 635 -6.21 13.61 -0.80
CA ALA A 635 -7.60 13.31 -0.52
C ALA A 635 -7.91 11.86 -0.91
N SER A 636 -8.99 11.34 -0.34
CA SER A 636 -9.38 9.97 -0.65
C SER A 636 -9.86 9.87 -2.09
N ILE A 637 -9.60 8.72 -2.69
CA ILE A 637 -9.94 8.44 -4.08
C ILE A 637 -11.25 7.67 -4.09
N SER A 638 -12.17 8.07 -4.97
CA SER A 638 -13.42 7.32 -4.97
C SER A 638 -13.25 5.97 -5.68
N PRO A 639 -13.96 4.93 -5.23
CA PRO A 639 -13.76 3.59 -5.79
C PRO A 639 -14.11 3.54 -7.27
N LEU A 640 -13.52 2.56 -7.96
CA LEU A 640 -13.83 2.34 -9.36
C LEU A 640 -15.07 1.47 -9.56
N GLY A 641 -15.59 0.86 -8.49
CA GLY A 641 -16.57 -0.18 -8.61
C GLY A 641 -15.88 -1.49 -8.97
N PRO A 642 -16.51 -2.62 -8.65
CA PRO A 642 -15.98 -3.90 -9.13
C PRO A 642 -15.66 -3.83 -10.62
N LEU A 643 -14.48 -4.35 -10.99
CA LEU A 643 -13.95 -4.19 -12.33
C LEU A 643 -14.39 -5.33 -13.24
N ARG A 644 -14.93 -4.99 -14.41
CA ARG A 644 -15.22 -6.00 -15.41
C ARG A 644 -13.93 -6.58 -16.00
N ALA A 645 -14.02 -7.23 -17.18
CA ALA A 645 -12.76 -7.88 -17.52
C ALA A 645 -12.04 -7.10 -18.62
N PRO A 646 -10.70 -7.16 -18.65
CA PRO A 646 -9.96 -6.53 -19.75
C PRO A 646 -10.05 -7.37 -21.00
N LYS A 647 -9.91 -6.71 -22.16
CA LYS A 647 -10.06 -7.51 -23.36
C LYS A 647 -8.74 -8.23 -23.69
N PRO A 648 -8.84 -9.41 -24.33
CA PRO A 648 -7.63 -10.22 -24.54
C PRO A 648 -6.58 -9.53 -25.37
N GLU A 649 -6.97 -8.71 -26.35
CA GLU A 649 -5.98 -7.99 -27.13
C GLU A 649 -5.09 -7.13 -26.24
N ASP A 650 -5.70 -6.47 -25.24
CA ASP A 650 -4.94 -5.62 -24.32
C ASP A 650 -4.02 -6.44 -23.41
N VAL A 651 -4.49 -7.59 -22.93
CA VAL A 651 -3.66 -8.44 -22.08
C VAL A 651 -2.46 -8.94 -22.85
N GLU A 652 -2.67 -9.43 -24.08
CA GLU A 652 -1.56 -9.83 -24.94
C GLU A 652 -0.55 -8.68 -25.09
N MET A 653 -1.05 -7.47 -25.35
CA MET A 653 -0.19 -6.29 -25.48
C MET A 653 0.65 -6.07 -24.22
N MET A 654 0.03 -6.20 -23.04
CA MET A 654 0.75 -5.96 -21.79
C MET A 654 1.79 -7.04 -21.52
N GLU A 655 1.45 -8.31 -21.82
CA GLU A 655 2.40 -9.38 -21.55
C GLU A 655 3.56 -9.36 -22.54
N LYS A 656 3.36 -8.84 -23.76
CA LYS A 656 4.49 -8.59 -24.65
C LYS A 656 5.42 -7.51 -24.09
N GLN A 657 4.84 -6.46 -23.50
CA GLN A 657 5.65 -5.44 -22.85
C GLN A 657 6.45 -6.04 -21.69
N ARG A 658 5.81 -6.88 -20.87
CA ARG A 658 6.54 -7.55 -19.79
C ARG A 658 7.70 -8.37 -20.35
N GLN A 659 7.44 -9.17 -21.38
CA GLN A 659 8.49 -10.02 -21.94
C GLN A 659 9.66 -9.17 -22.43
N ARG A 660 9.35 -8.04 -23.06
CA ARG A 660 10.37 -7.16 -23.63
C ARG A 660 11.20 -6.48 -22.55
N LEU A 661 10.62 -6.25 -21.37
CA LEU A 661 11.24 -5.37 -20.39
C LEU A 661 11.78 -6.07 -19.16
N GLN A 662 11.33 -7.28 -18.86
CA GLN A 662 11.60 -7.84 -17.54
C GLN A 662 13.05 -8.30 -17.39
N GLU A 663 13.79 -8.49 -18.50
CA GLU A 663 15.21 -8.81 -18.35
C GLU A 663 15.98 -7.59 -17.86
N ARG A 664 15.58 -6.39 -18.30
CA ARG A 664 16.17 -5.16 -17.74
C ARG A 664 15.57 -4.79 -16.39
N TRP A 665 14.25 -4.89 -16.26
CA TRP A 665 13.54 -4.44 -15.06
C TRP A 665 12.95 -5.66 -14.34
N GLY A 666 13.74 -6.26 -13.44
CA GLY A 666 13.39 -7.56 -12.87
C GLY A 666 12.17 -7.56 -11.96
N LEU A 667 11.82 -6.40 -11.39
CA LEU A 667 10.62 -6.31 -10.57
C LEU A 667 9.37 -6.59 -11.38
N LEU A 668 9.47 -6.57 -12.71
CA LEU A 668 8.36 -6.98 -13.56
C LEU A 668 8.10 -8.49 -13.53
N ARG A 669 9.05 -9.30 -13.06
CA ARG A 669 8.93 -10.74 -13.22
C ARG A 669 7.87 -11.30 -12.28
N CYS A 670 7.03 -12.18 -12.82
CA CYS A 670 6.10 -12.93 -11.99
C CYS A 670 6.10 -14.42 -12.35
N THR A 671 7.20 -14.90 -12.92
CA THR A 671 7.46 -16.31 -13.18
C THR A 671 8.94 -16.54 -12.93
N VAL A 672 9.32 -17.79 -12.68
CA VAL A 672 10.73 -18.11 -12.59
C VAL A 672 11.35 -18.01 -13.98
N SER A 673 12.59 -17.50 -14.05
CA SER A 673 13.28 -17.36 -15.33
C SER A 673 13.74 -18.72 -15.84
N GLU A 674 13.78 -18.86 -17.17
CA GLU A 674 14.39 -20.02 -17.79
C GLU A 674 15.92 -19.90 -17.70
N SER A 675 16.56 -20.88 -17.08
CA SER A 675 18.02 -20.93 -17.09
C SER A 675 18.50 -21.59 -18.37
N TRP A 676 19.68 -21.17 -18.83
CA TRP A 676 20.25 -21.72 -20.06
C TRP A 676 20.58 -23.19 -19.87
C1 EDO B . 16.92 -7.45 -11.38
O1 EDO B . 17.74 -7.77 -10.25
C2 EDO B . 17.28 -6.07 -11.91
O2 EDO B . 16.33 -5.63 -12.90
C1 EDO C . -1.81 -24.56 15.47
O1 EDO C . -1.18 -25.37 16.47
C2 EDO C . -3.25 -24.97 15.27
O2 EDO C . -3.80 -24.11 14.26
C1 EDO D . -14.45 7.16 6.25
O1 EDO D . -13.69 7.11 7.45
C2 EDO D . -13.79 7.97 5.15
O2 EDO D . -14.47 7.65 3.93
C10 LDI E . 6.00 -20.72 17.60
C13 LDI E . 8.24 -23.81 17.97
C15 LDI E . 9.21 -25.30 19.61
C17 LDI E . 10.43 -24.76 17.62
C20 LDI E . 3.36 -17.25 16.75
C03 LDI E . 3.47 -14.89 15.99
C05 LDI E . 3.96 -15.97 17.02
C06 LDI E . 5.41 -16.00 17.04
C07 LDI E . 6.01 -17.19 17.84
C09 LDI E . 5.88 -19.35 18.29
C12 LDI E . 7.09 -22.90 17.51
C14 LDI E . 8.17 -24.50 19.18
C16 LDI E . 10.35 -25.44 18.83
C18 LDI E . 9.39 -23.95 17.20
C19 LDI E . 4.04 -18.52 17.34
N02 LDI E . 2.24 -15.04 15.28
N08 LDI E . 5.47 -18.49 17.52
N11 LDI E . 7.14 -21.53 18.05
O01 LDI E . 1.82 -14.05 14.37
O04 LDI E . 4.10 -13.91 15.75
ZN ZN F . 3.72 -13.33 13.55
K K G . 0.55 -13.36 7.38
K K H . -13.15 -15.78 2.33
P PO4 I . -14.14 -7.44 34.24
O1 PO4 I . -12.67 -7.29 33.86
O2 PO4 I . -14.39 -6.71 35.57
O3 PO4 I . -14.99 -6.82 33.18
O4 PO4 I . -14.48 -8.90 34.42
P PO4 J . 12.45 -23.41 -3.19
O1 PO4 J . 13.72 -22.69 -3.63
O2 PO4 J . 11.37 -22.40 -2.90
O3 PO4 J . 11.99 -24.30 -4.32
O4 PO4 J . 12.74 -24.25 -1.97
P PO4 K . 10.01 12.27 11.86
O1 PO4 K . 10.93 13.04 12.80
O2 PO4 K . 9.90 13.00 10.54
O3 PO4 K . 10.59 10.90 11.60
O4 PO4 K . 8.64 12.18 12.49
NA NA L . 3.40 -24.98 25.38
#